data_2LAJ
#
_entry.id   2LAJ
#
loop_
_entity.id
_entity.type
_entity.pdbx_description
1 polymer 'E3 ubiquitin-protein ligase NEDD4-like'
2 polymer 'Mothers against decapentaplegic homolog 3'
#
loop_
_entity_poly.entity_id
_entity_poly.type
_entity_poly.pdbx_seq_one_letter_code
_entity_poly.pdbx_strand_id
1 'polypeptide(L)' GAMEQSFLPPGWEMRIAPNGRPFFYDHNTKTTTWEDPRLKFPVH A
2 'polypeptide(L)' AG(SEP)PNL(SEP)PNP B
#
# COMPACT_ATOMS: atom_id res chain seq x y z
N GLN A 5 -2.77 2.23 -9.82
CA GLN A 5 -1.64 2.98 -10.42
C GLN A 5 -0.83 2.10 -11.34
N SER A 6 0.25 2.66 -11.86
CA SER A 6 1.09 1.99 -12.83
C SER A 6 1.84 0.78 -12.26
N PHE A 7 2.25 0.84 -10.99
CA PHE A 7 3.05 -0.25 -10.42
C PHE A 7 1.99 -1.23 -10.04
N LEU A 8 0.98 -0.57 -9.47
CA LEU A 8 0.34 -0.97 -8.24
C LEU A 8 -1.17 -1.01 -8.39
N PRO A 9 -1.83 -2.02 -7.78
CA PRO A 9 -3.27 -2.32 -8.00
C PRO A 9 -4.21 -1.15 -7.65
N PRO A 10 -5.52 -1.29 -7.94
CA PRO A 10 -6.55 -0.30 -7.57
C PRO A 10 -6.97 -0.40 -6.09
N GLY A 11 -6.03 -0.68 -5.22
CA GLY A 11 -6.28 -0.74 -3.79
C GLY A 11 -5.47 0.28 -3.09
N TRP A 12 -4.66 0.96 -3.85
CA TRP A 12 -3.37 1.30 -3.34
C TRP A 12 -3.00 2.74 -3.40
N GLU A 13 -2.23 3.10 -2.41
CA GLU A 13 -1.65 4.41 -2.26
C GLU A 13 -0.18 4.22 -1.90
N MET A 14 0.70 4.63 -2.80
CA MET A 14 2.13 4.47 -2.57
C MET A 14 2.65 5.68 -1.86
N ARG A 15 2.90 5.53 -0.58
CA ARG A 15 3.43 6.61 0.20
C ARG A 15 4.77 6.22 0.79
N ILE A 16 5.80 6.86 0.31
CA ILE A 16 7.11 6.78 0.92
C ILE A 16 7.21 7.86 1.96
N ALA A 17 7.36 7.43 3.19
CA ALA A 17 7.15 8.27 4.33
C ALA A 17 8.43 8.98 4.71
N PRO A 18 8.34 10.18 5.29
CA PRO A 18 9.50 10.98 5.69
C PRO A 18 10.46 10.25 6.65
N ASN A 19 10.18 8.99 6.99
CA ASN A 19 11.09 8.22 7.83
C ASN A 19 11.83 7.19 6.99
N GLY A 20 11.32 6.95 5.76
CA GLY A 20 11.93 5.99 4.89
C GLY A 20 11.04 4.78 4.71
N ARG A 21 9.74 5.03 4.79
CA ARG A 21 8.76 3.95 4.76
C ARG A 21 7.77 4.10 3.61
N PRO A 22 7.96 3.37 2.51
CA PRO A 22 6.95 3.26 1.46
C PRO A 22 6.03 2.12 1.73
N PHE A 23 4.86 2.51 2.23
CA PHE A 23 3.88 1.58 2.65
C PHE A 23 3.01 1.41 1.41
N PHE A 24 2.85 0.24 0.89
CA PHE A 24 1.87 0.06 -0.17
C PHE A 24 0.56 -0.28 0.54
N TYR A 25 -0.38 0.66 0.64
CA TYR A 25 -1.56 0.45 1.49
C TYR A 25 -2.86 0.29 0.68
N ASP A 26 -3.59 -0.80 0.98
CA ASP A 26 -4.80 -1.20 0.25
C ASP A 26 -6.00 -0.53 0.93
N HIS A 27 -6.96 -0.05 0.15
CA HIS A 27 -8.07 0.74 0.70
C HIS A 27 -9.34 -0.10 0.86
N ASN A 28 -9.31 -1.33 0.39
CA ASN A 28 -10.48 -2.20 0.51
C ASN A 28 -10.34 -3.08 1.74
N THR A 29 -9.10 -3.28 2.15
CA THR A 29 -8.80 -3.99 3.38
C THR A 29 -8.16 -3.06 4.40
N LYS A 30 -7.85 -1.84 3.96
CA LYS A 30 -7.25 -0.81 4.82
C LYS A 30 -5.96 -1.31 5.46
N THR A 31 -5.21 -2.11 4.72
CA THR A 31 -4.00 -2.70 5.25
C THR A 31 -2.77 -1.95 4.77
N THR A 32 -1.92 -1.56 5.72
CA THR A 32 -0.63 -1.00 5.40
C THR A 32 0.39 -2.13 5.31
N THR A 33 0.95 -2.33 4.14
CA THR A 33 1.85 -3.45 3.93
C THR A 33 3.10 -3.01 3.20
N TRP A 34 4.21 -3.66 3.45
CA TRP A 34 5.41 -3.39 2.68
C TRP A 34 5.61 -4.52 1.68
N GLU A 35 4.67 -5.48 1.71
CA GLU A 35 4.71 -6.64 0.83
C GLU A 35 4.14 -6.27 -0.54
N ASP A 36 4.63 -6.94 -1.58
CA ASP A 36 4.20 -6.66 -2.95
C ASP A 36 2.70 -6.90 -3.11
N PRO A 37 1.93 -5.81 -3.29
CA PRO A 37 0.46 -5.80 -3.37
C PRO A 37 -0.05 -6.21 -4.70
N ARG A 38 0.85 -6.32 -5.61
CA ARG A 38 0.51 -6.56 -6.95
C ARG A 38 0.25 -8.03 -7.01
N LEU A 39 0.59 -8.65 -5.89
CA LEU A 39 0.35 -10.05 -5.73
C LEU A 39 -1.16 -10.35 -5.75
N LYS A 40 -1.95 -9.38 -5.28
CA LYS A 40 -3.41 -9.50 -5.14
C LYS A 40 -4.13 -9.32 -6.47
N PHE A 41 -3.37 -8.91 -7.49
CA PHE A 41 -3.91 -8.53 -8.82
C PHE A 41 -5.08 -9.36 -9.42
N PRO A 42 -5.01 -10.64 -9.26
CA PRO A 42 -6.03 -11.63 -9.59
C PRO A 42 -7.42 -11.27 -9.04
N VAL A 43 -7.45 -10.24 -8.19
CA VAL A 43 -8.70 -9.69 -7.65
C VAL A 43 -9.62 -9.15 -8.74
N HIS A 44 -9.05 -9.10 -9.90
CA HIS A 44 -9.74 -8.63 -11.11
C HIS A 44 -9.58 -9.65 -12.21
N ALA B 1 -2.28 14.19 5.57
CA ALA B 1 -3.58 14.02 4.89
C ALA B 1 -4.16 12.64 5.17
N GLY B 2 -5.20 12.25 4.44
CA GLY B 2 -5.76 10.93 4.60
C GLY B 2 -5.00 9.89 3.80
N PRO B 4 -1.95 7.02 3.51
CA PRO B 4 -1.30 6.01 4.35
C PRO B 4 0.09 6.42 4.81
N ASN B 5 0.18 6.89 6.05
CA ASN B 5 1.48 7.16 6.67
C ASN B 5 1.63 6.32 7.94
N LEU B 6 0.52 5.78 8.41
CA LEU B 6 0.56 4.92 9.60
C LEU B 6 1.40 3.67 9.35
N PRO B 8 2.89 0.23 9.92
CA PRO B 8 2.61 -0.99 10.67
C PRO B 8 3.77 -1.33 11.60
N ASN B 9 3.49 -1.40 12.89
CA ASN B 9 4.52 -1.70 13.88
C ASN B 9 4.53 -3.19 14.20
N PRO B 10 5.58 -3.89 13.77
CA PRO B 10 5.75 -5.30 14.01
C PRO B 10 6.65 -5.59 15.21
N GLN A 5 -1.18 4.31 -9.11
CA GLN A 5 0.24 4.14 -9.50
C GLN A 5 0.38 3.09 -10.60
N SER A 6 1.50 3.14 -11.31
CA SER A 6 1.72 2.27 -12.46
C SER A 6 2.40 0.96 -12.07
N PHE A 7 2.96 0.90 -10.86
CA PHE A 7 3.73 -0.27 -10.43
C PHE A 7 2.65 -1.26 -10.15
N LEU A 8 1.64 -0.62 -9.58
CA LEU A 8 0.95 -1.09 -8.42
C LEU A 8 -0.59 -1.05 -8.63
N PRO A 9 -1.30 -1.98 -7.95
CA PRO A 9 -2.76 -2.20 -8.11
C PRO A 9 -3.65 -0.98 -7.78
N PRO A 10 -4.96 -1.06 -8.13
CA PRO A 10 -5.94 0.03 -7.90
C PRO A 10 -6.62 -0.02 -6.52
N GLY A 11 -5.92 -0.54 -5.53
CA GLY A 11 -6.42 -0.61 -4.17
C GLY A 11 -5.74 0.41 -3.35
N TRP A 12 -4.85 1.12 -4.01
CA TRP A 12 -3.62 1.42 -3.38
C TRP A 12 -3.19 2.84 -3.48
N GLU A 13 -2.46 3.20 -2.46
CA GLU A 13 -1.82 4.50 -2.36
C GLU A 13 -0.36 4.29 -2.03
N MET A 14 0.52 4.74 -2.92
CA MET A 14 1.95 4.56 -2.68
C MET A 14 2.46 5.76 -1.92
N ARG A 15 2.67 5.59 -0.64
CA ARG A 15 3.22 6.65 0.15
C ARG A 15 4.57 6.26 0.71
N ILE A 16 5.60 6.91 0.23
CA ILE A 16 6.92 6.80 0.79
C ILE A 16 7.07 7.86 1.86
N ALA A 17 7.26 7.37 3.06
CA ALA A 17 7.11 8.17 4.25
C ALA A 17 8.42 8.84 4.60
N PRO A 18 8.37 10.01 5.25
CA PRO A 18 9.57 10.76 5.65
C PRO A 18 10.57 9.96 6.52
N ASN A 19 10.30 8.67 6.77
CA ASN A 19 11.27 7.82 7.46
C ASN A 19 11.94 6.89 6.45
N GLY A 20 11.33 6.78 5.28
CA GLY A 20 11.82 5.88 4.26
C GLY A 20 10.89 4.71 4.07
N ARG A 21 9.67 4.85 4.59
CA ARG A 21 8.68 3.78 4.56
C ARG A 21 7.66 4.00 3.44
N PRO A 22 7.78 3.29 2.31
CA PRO A 22 6.75 3.25 1.29
C PRO A 22 5.79 2.12 1.54
N PHE A 23 4.66 2.51 2.09
CA PHE A 23 3.66 1.59 2.52
C PHE A 23 2.79 1.43 1.27
N PHE A 24 2.59 0.23 0.81
CA PHE A 24 1.64 0.04 -0.27
C PHE A 24 0.29 -0.22 0.41
N TYR A 25 -0.60 0.79 0.48
CA TYR A 25 -1.80 0.64 1.34
C TYR A 25 -3.10 0.50 0.54
N ASP A 26 -3.87 -0.55 0.89
CA ASP A 26 -5.09 -0.96 0.17
C ASP A 26 -6.28 -0.21 0.79
N HIS A 27 -7.24 0.23 -0.01
CA HIS A 27 -8.34 1.05 0.50
C HIS A 27 -9.61 0.23 0.70
N ASN A 28 -9.55 -1.05 0.37
CA ASN A 28 -10.71 -1.92 0.52
C ASN A 28 -10.69 -2.57 1.88
N THR A 29 -9.55 -3.16 2.23
CA THR A 29 -9.37 -3.80 3.52
C THR A 29 -8.59 -2.86 4.47
N LYS A 30 -8.27 -1.66 3.97
CA LYS A 30 -7.52 -0.65 4.74
C LYS A 30 -6.19 -1.22 5.21
N THR A 31 -5.57 -2.02 4.35
CA THR A 31 -4.38 -2.75 4.72
C THR A 31 -3.11 -1.96 4.39
N THR A 32 -2.37 -1.62 5.42
CA THR A 32 -1.05 -1.04 5.24
C THR A 32 -0.03 -2.16 5.19
N THR A 33 0.70 -2.28 4.09
CA THR A 33 1.61 -3.39 3.91
C THR A 33 2.91 -2.92 3.27
N TRP A 34 4.00 -3.59 3.59
CA TRP A 34 5.26 -3.33 2.92
C TRP A 34 5.46 -4.38 1.84
N GLU A 35 4.68 -5.46 1.95
CA GLU A 35 4.74 -6.55 1.00
C GLU A 35 4.07 -6.15 -0.30
N ASP A 36 4.55 -6.72 -1.39
CA ASP A 36 4.06 -6.37 -2.71
C ASP A 36 2.57 -6.62 -2.86
N PRO A 37 1.80 -5.54 -3.02
CA PRO A 37 0.33 -5.54 -3.10
C PRO A 37 -0.18 -6.03 -4.41
N ARG A 38 0.75 -6.19 -5.29
CA ARG A 38 0.45 -6.53 -6.62
C ARG A 38 0.24 -8.01 -6.57
N LEU A 39 0.59 -8.56 -5.39
CA LEU A 39 0.33 -9.93 -5.12
C LEU A 39 -1.19 -10.16 -5.07
N LYS A 40 -1.89 -9.07 -4.78
CA LYS A 40 -3.33 -9.03 -4.58
C LYS A 40 -4.08 -9.08 -5.91
N PHE A 41 -3.33 -8.97 -7.00
CA PHE A 41 -3.88 -8.90 -8.37
C PHE A 41 -5.04 -9.83 -8.76
N PRO A 42 -4.96 -11.05 -8.33
CA PRO A 42 -5.98 -12.09 -8.44
C PRO A 42 -7.37 -11.61 -7.99
N VAL A 43 -7.41 -10.42 -7.40
CA VAL A 43 -8.64 -9.75 -6.98
C VAL A 43 -9.59 -9.52 -8.14
N HIS A 44 -9.08 -9.76 -9.31
CA HIS A 44 -9.82 -9.60 -10.55
C HIS A 44 -10.23 -10.97 -11.08
N ALA B 1 -2.54 13.06 6.03
CA ALA B 1 -3.79 12.84 6.78
C ALA B 1 -4.68 11.81 6.10
N GLY B 2 -5.00 12.05 4.83
CA GLY B 2 -5.88 11.16 4.09
C GLY B 2 -5.10 10.20 3.21
N PRO B 4 -1.99 6.94 3.30
CA PRO B 4 -1.28 5.94 4.11
C PRO B 4 0.06 6.44 4.65
N ASN B 5 0.05 6.88 5.91
CA ASN B 5 1.29 7.18 6.61
C ASN B 5 1.41 6.31 7.85
N LEU B 6 0.31 5.69 8.24
CA LEU B 6 0.31 4.77 9.37
C LEU B 6 1.17 3.54 9.07
N PRO B 8 2.72 0.03 9.56
CA PRO B 8 2.52 -1.27 10.21
C PRO B 8 3.66 -1.60 11.17
N ASN B 9 3.32 -2.26 12.26
CA ASN B 9 4.31 -2.59 13.28
C ASN B 9 5.08 -3.83 12.85
N PRO B 10 6.38 -3.70 12.63
CA PRO B 10 7.24 -4.81 12.26
C PRO B 10 7.80 -5.54 13.48
N GLN A 5 -2.58 2.09 -9.57
CA GLN A 5 -1.32 2.84 -9.77
C GLN A 5 -0.53 2.22 -10.91
N SER A 6 0.64 2.76 -11.15
CA SER A 6 1.48 2.32 -12.24
C SER A 6 2.24 1.03 -11.92
N PHE A 7 2.62 0.85 -10.66
CA PHE A 7 3.41 -0.32 -10.26
C PHE A 7 2.33 -1.32 -9.95
N LEU A 8 1.30 -0.67 -9.37
CA LEU A 8 0.65 -1.11 -8.16
C LEU A 8 -0.88 -1.13 -8.35
N PRO A 9 -1.57 -2.08 -7.68
CA PRO A 9 -3.01 -2.36 -7.92
C PRO A 9 -3.91 -1.14 -7.65
N PRO A 10 -5.22 -1.24 -7.98
CA PRO A 10 -6.21 -0.16 -7.75
C PRO A 10 -6.72 -0.08 -6.30
N GLY A 11 -5.88 -0.50 -5.36
CA GLY A 11 -6.24 -0.47 -3.95
C GLY A 11 -5.37 0.51 -3.25
N TRP A 12 -4.54 1.15 -4.01
CA TRP A 12 -3.25 1.44 -3.48
C TRP A 12 -2.81 2.87 -3.61
N GLU A 13 -2.11 3.24 -2.57
CA GLU A 13 -1.49 4.55 -2.46
C GLU A 13 -0.04 4.34 -2.07
N MET A 14 0.86 4.67 -2.97
CA MET A 14 2.27 4.52 -2.71
C MET A 14 2.79 5.78 -2.08
N ARG A 15 3.16 5.69 -0.82
CA ARG A 15 3.76 6.83 -0.16
C ARG A 15 5.02 6.39 0.57
N ILE A 16 6.13 6.93 0.10
CA ILE A 16 7.42 6.75 0.74
C ILE A 16 7.60 7.85 1.74
N ALA A 17 7.69 7.43 2.99
CA ALA A 17 7.56 8.31 4.10
C ALA A 17 8.93 8.86 4.46
N PRO A 18 9.01 10.08 5.01
CA PRO A 18 10.28 10.73 5.37
C PRO A 18 11.19 9.91 6.31
N ASN A 19 10.76 8.72 6.70
CA ASN A 19 11.58 7.85 7.53
C ASN A 19 12.20 6.76 6.68
N GLY A 20 11.66 6.60 5.46
CA GLY A 20 12.17 5.60 4.54
C GLY A 20 11.17 4.50 4.35
N ARG A 21 9.90 4.86 4.47
CA ARG A 21 8.84 3.87 4.48
C ARG A 21 7.82 4.11 3.38
N PRO A 22 7.93 3.37 2.28
CA PRO A 22 6.91 3.34 1.25
C PRO A 22 5.92 2.27 1.55
N PHE A 23 4.81 2.74 2.09
CA PHE A 23 3.80 1.89 2.58
C PHE A 23 2.93 1.70 1.37
N PHE A 24 2.73 0.49 0.92
CA PHE A 24 1.79 0.31 -0.14
C PHE A 24 0.45 0.07 0.53
N TYR A 25 -0.39 1.10 0.66
CA TYR A 25 -1.60 0.97 1.47
C TYR A 25 -2.86 0.77 0.62
N ASP A 26 -3.64 -0.23 1.03
CA ASP A 26 -4.83 -0.72 0.31
C ASP A 26 -6.06 0.06 0.79
N HIS A 27 -6.99 0.35 -0.10
CA HIS A 27 -8.15 1.17 0.24
C HIS A 27 -9.41 0.32 0.25
N ASN A 28 -9.26 -0.95 -0.09
CA ASN A 28 -10.38 -1.88 -0.14
C ASN A 28 -10.66 -2.42 1.26
N THR A 29 -9.58 -2.72 1.97
CA THR A 29 -9.64 -3.14 3.35
C THR A 29 -9.01 -2.07 4.25
N LYS A 30 -8.35 -1.11 3.61
CA LYS A 30 -7.64 -0.04 4.31
C LYS A 30 -6.49 -0.59 5.13
N THR A 31 -5.66 -1.40 4.50
CA THR A 31 -4.56 -2.01 5.20
C THR A 31 -3.22 -1.45 4.72
N THR A 32 -2.37 -1.09 5.66
CA THR A 32 -1.04 -0.61 5.35
C THR A 32 -0.08 -1.78 5.30
N THR A 33 0.68 -1.91 4.21
CA THR A 33 1.58 -3.02 4.08
C THR A 33 2.90 -2.60 3.45
N TRP A 34 3.96 -3.30 3.81
CA TRP A 34 5.24 -3.11 3.15
C TRP A 34 5.42 -4.22 2.13
N GLU A 35 4.47 -5.16 2.13
CA GLU A 35 4.53 -6.34 1.28
C GLU A 35 3.95 -6.03 -0.09
N ASP A 36 4.44 -6.73 -1.11
CA ASP A 36 4.05 -6.47 -2.48
C ASP A 36 2.57 -6.78 -2.71
N PRO A 37 1.77 -5.73 -2.93
CA PRO A 37 0.30 -5.77 -3.05
C PRO A 37 -0.13 -6.26 -4.38
N ARG A 38 0.82 -6.38 -5.23
CA ARG A 38 0.61 -6.70 -6.58
C ARG A 38 0.42 -8.19 -6.58
N LEU A 39 0.71 -8.73 -5.40
CA LEU A 39 0.46 -10.12 -5.16
C LEU A 39 -1.05 -10.36 -5.23
N LYS A 40 -1.79 -9.29 -4.93
CA LYS A 40 -3.23 -9.28 -4.74
C LYS A 40 -3.98 -9.29 -6.09
N PHE A 41 -3.22 -9.10 -7.16
CA PHE A 41 -3.78 -8.92 -8.52
C PHE A 41 -4.98 -9.76 -8.99
N PRO A 42 -4.95 -11.01 -8.63
CA PRO A 42 -6.03 -11.99 -8.83
C PRO A 42 -7.39 -11.51 -8.31
N VAL A 43 -7.40 -10.38 -7.58
CA VAL A 43 -8.63 -9.76 -7.07
C VAL A 43 -9.48 -9.18 -8.17
N HIS A 44 -8.89 -9.16 -9.34
CA HIS A 44 -9.53 -8.74 -10.59
C HIS A 44 -10.38 -7.48 -10.43
N ALA B 1 -4.15 11.02 7.37
CA ALA B 1 -5.47 10.41 7.64
C ALA B 1 -5.86 9.42 6.55
N GLY B 2 -6.23 9.95 5.38
CA GLY B 2 -6.61 9.09 4.27
C GLY B 2 -5.41 8.54 3.54
N PRO B 4 -1.68 7.02 3.30
CA PRO B 4 -0.78 6.16 4.07
C PRO B 4 0.48 6.88 4.56
N ASN B 5 0.47 7.30 5.83
CA ASN B 5 1.70 7.60 6.53
C ASN B 5 1.82 6.72 7.78
N LEU B 6 0.73 6.10 8.17
CA LEU B 6 0.73 5.25 9.36
C LEU B 6 1.49 3.95 9.10
N PRO B 8 2.63 0.45 9.62
CA PRO B 8 2.21 -0.75 10.33
C PRO B 8 3.37 -1.44 11.02
N ASN B 9 3.22 -1.72 12.31
CA ASN B 9 4.27 -2.34 13.10
C ASN B 9 4.48 -3.78 12.66
N PRO B 10 5.67 -4.11 12.12
CA PRO B 10 5.98 -5.45 11.62
C PRO B 10 5.98 -6.50 12.74
N GLN A 5 -2.83 2.10 -8.67
CA GLN A 5 -1.57 2.83 -8.97
C GLN A 5 -0.88 2.23 -10.19
N SER A 6 0.26 2.80 -10.55
CA SER A 6 0.96 2.39 -11.75
C SER A 6 1.75 1.10 -11.56
N PHE A 7 2.23 0.85 -10.35
CA PHE A 7 3.07 -0.33 -10.09
C PHE A 7 2.03 -1.36 -9.72
N LEU A 8 1.03 -0.75 -9.10
CA LEU A 8 0.45 -1.19 -7.87
C LEU A 8 -1.08 -1.25 -8.00
N PRO A 9 -1.73 -2.25 -7.36
CA PRO A 9 -3.15 -2.59 -7.62
C PRO A 9 -4.13 -1.42 -7.34
N PRO A 10 -5.42 -1.60 -7.65
CA PRO A 10 -6.47 -0.58 -7.38
C PRO A 10 -6.93 -0.56 -5.92
N GLY A 11 -6.00 -0.77 -5.00
CA GLY A 11 -6.29 -0.73 -3.58
C GLY A 11 -5.46 0.31 -2.93
N TRP A 12 -4.59 0.88 -3.71
CA TRP A 12 -3.30 1.21 -3.19
C TRP A 12 -2.89 2.64 -3.32
N GLU A 13 -2.20 3.05 -2.28
CA GLU A 13 -1.58 4.35 -2.22
C GLU A 13 -0.14 4.15 -1.82
N MET A 14 0.76 4.43 -2.74
CA MET A 14 2.17 4.25 -2.47
C MET A 14 2.74 5.50 -1.89
N ARG A 15 2.96 5.49 -0.61
CA ARG A 15 3.58 6.61 0.04
C ARG A 15 4.90 6.19 0.62
N ILE A 16 5.95 6.72 0.06
CA ILE A 16 7.28 6.56 0.61
C ILE A 16 7.48 7.71 1.57
N ALA A 17 7.61 7.34 2.81
CA ALA A 17 7.48 8.26 3.89
C ALA A 17 8.83 8.88 4.19
N PRO A 18 8.88 10.12 4.69
CA PRO A 18 10.14 10.85 4.95
C PRO A 18 11.13 10.10 5.86
N ASN A 19 10.74 8.95 6.39
CA ASN A 19 11.62 8.15 7.23
C ASN A 19 12.20 7.01 6.43
N GLY A 20 11.61 6.76 5.26
CA GLY A 20 12.08 5.71 4.39
C GLY A 20 11.08 4.59 4.31
N ARG A 21 9.82 4.93 4.46
CA ARG A 21 8.77 3.95 4.56
C ARG A 21 7.77 4.07 3.43
N PRO A 22 7.90 3.25 2.38
CA PRO A 22 6.89 3.14 1.34
C PRO A 22 5.90 2.07 1.70
N PHE A 23 4.80 2.56 2.23
CA PHE A 23 3.77 1.70 2.72
C PHE A 23 2.88 1.48 1.52
N PHE A 24 2.71 0.27 1.08
CA PHE A 24 1.72 0.04 0.06
C PHE A 24 0.40 -0.23 0.80
N TYR A 25 -0.50 0.74 0.87
CA TYR A 25 -1.69 0.58 1.71
C TYR A 25 -2.99 0.40 0.89
N ASP A 26 -3.75 -0.66 1.22
CA ASP A 26 -4.97 -1.06 0.49
C ASP A 26 -6.16 -0.33 1.14
N HIS A 27 -7.05 0.27 0.34
CA HIS A 27 -8.12 1.10 0.89
C HIS A 27 -9.39 0.31 1.14
N ASN A 28 -9.41 -0.95 0.72
CA ASN A 28 -10.59 -1.79 0.87
C ASN A 28 -10.57 -2.45 2.24
N THR A 29 -9.40 -2.94 2.63
CA THR A 29 -9.24 -3.57 3.93
C THR A 29 -8.55 -2.63 4.91
N LYS A 30 -8.18 -1.44 4.43
CA LYS A 30 -7.54 -0.42 5.27
C LYS A 30 -6.20 -0.92 5.81
N THR A 31 -5.58 -1.83 5.07
CA THR A 31 -4.37 -2.46 5.54
C THR A 31 -3.13 -1.71 5.06
N THR A 32 -2.33 -1.26 6.02
CA THR A 32 -1.03 -0.70 5.71
C THR A 32 0.00 -1.82 5.73
N THR A 33 0.66 -2.05 4.61
CA THR A 33 1.53 -3.19 4.47
C THR A 33 2.73 -2.85 3.58
N TRP A 34 3.86 -3.49 3.82
CA TRP A 34 5.03 -3.25 2.98
C TRP A 34 5.19 -4.41 2.00
N GLU A 35 4.38 -5.44 2.21
CA GLU A 35 4.37 -6.65 1.39
C GLU A 35 3.82 -6.34 0.01
N ASP A 36 4.28 -7.09 -0.99
CA ASP A 36 3.87 -6.90 -2.37
C ASP A 36 2.35 -7.11 -2.52
N PRO A 37 1.64 -6.01 -2.80
CA PRO A 37 0.17 -5.95 -2.95
C PRO A 37 -0.28 -6.40 -4.28
N ARG A 38 0.67 -6.58 -5.12
CA ARG A 38 0.44 -6.87 -6.47
C ARG A 38 0.12 -8.32 -6.52
N LEU A 39 0.36 -8.91 -5.35
CA LEU A 39 0.03 -10.29 -5.10
C LEU A 39 -1.42 -10.58 -5.54
N LYS A 40 -2.30 -9.60 -5.30
CA LYS A 40 -3.74 -9.72 -5.50
C LYS A 40 -4.12 -9.55 -6.96
N PHE A 41 -3.16 -9.13 -7.76
CA PHE A 41 -3.37 -8.68 -9.16
C PHE A 41 -4.38 -9.42 -10.05
N PRO A 42 -4.40 -10.70 -9.95
CA PRO A 42 -5.38 -11.61 -10.55
C PRO A 42 -6.82 -11.16 -10.28
N VAL A 43 -6.96 -10.17 -9.38
CA VAL A 43 -8.23 -9.51 -9.04
C VAL A 43 -8.93 -8.91 -10.26
N HIS A 44 -8.20 -8.89 -11.33
CA HIS A 44 -8.67 -8.38 -12.61
C HIS A 44 -7.81 -8.95 -13.73
N ALA B 1 -5.90 12.41 7.81
CA ALA B 1 -5.23 12.47 6.50
C ALA B 1 -5.72 11.34 5.61
N GLY B 2 -5.70 11.55 4.31
CA GLY B 2 -6.19 10.55 3.38
C GLY B 2 -5.09 9.64 2.89
N PRO B 4 -1.82 7.32 3.25
CA PRO B 4 -1.18 6.39 4.19
C PRO B 4 0.21 6.84 4.65
N ASN B 5 0.31 7.32 5.89
CA ASN B 5 1.60 7.63 6.52
C ASN B 5 1.83 6.80 7.78
N LEU B 6 0.78 6.18 8.29
CA LEU B 6 0.88 5.39 9.51
C LEU B 6 1.68 4.10 9.27
N PRO B 8 2.98 0.65 9.96
CA PRO B 8 2.63 -0.54 10.75
C PRO B 8 3.84 -1.09 11.51
N ASN B 9 3.59 -1.62 12.69
CA ASN B 9 4.64 -2.29 13.46
C ASN B 9 4.82 -3.72 12.96
N PRO B 10 6.00 -4.04 12.42
CA PRO B 10 6.30 -5.36 11.88
C PRO B 10 6.59 -6.38 12.97
N GLN A 5 -2.73 3.58 -9.14
CA GLN A 5 -1.26 3.80 -9.14
C GLN A 5 -0.62 3.03 -10.29
N SER A 6 0.63 3.35 -10.56
CA SER A 6 1.30 2.87 -11.76
C SER A 6 1.98 1.51 -11.57
N PHE A 7 2.42 1.20 -10.35
CA PHE A 7 3.22 -0.02 -10.14
C PHE A 7 2.16 -1.04 -9.83
N LEU A 8 1.14 -0.45 -9.22
CA LEU A 8 0.54 -0.95 -8.01
C LEU A 8 -0.99 -0.99 -8.17
N PRO A 9 -1.63 -2.03 -7.55
CA PRO A 9 -3.06 -2.38 -7.82
C PRO A 9 -4.03 -1.23 -7.49
N PRO A 10 -5.33 -1.38 -7.86
CA PRO A 10 -6.37 -0.36 -7.60
C PRO A 10 -6.84 -0.29 -6.14
N GLY A 11 -5.95 -0.63 -5.22
CA GLY A 11 -6.25 -0.56 -3.80
C GLY A 11 -5.35 0.42 -3.14
N TRP A 12 -4.48 1.02 -3.89
CA TRP A 12 -3.17 1.25 -3.37
C TRP A 12 -2.68 2.66 -3.39
N GLU A 13 -2.29 3.05 -2.19
CA GLU A 13 -1.64 4.30 -1.93
C GLU A 13 -0.16 4.02 -1.71
N MET A 14 0.68 4.46 -2.62
CA MET A 14 2.10 4.35 -2.41
C MET A 14 2.58 5.60 -1.72
N ARG A 15 2.85 5.48 -0.44
CA ARG A 15 3.41 6.56 0.31
C ARG A 15 4.76 6.17 0.86
N ILE A 16 5.79 6.77 0.34
CA ILE A 16 7.13 6.65 0.89
C ILE A 16 7.30 7.73 1.91
N ALA A 17 7.48 7.31 3.13
CA ALA A 17 7.36 8.19 4.26
C ALA A 17 8.71 8.81 4.54
N PRO A 18 8.76 10.04 5.09
CA PRO A 18 10.02 10.77 5.30
C PRO A 18 11.04 10.03 6.19
N ASN A 19 10.66 8.85 6.69
CA ASN A 19 11.54 8.04 7.49
C ASN A 19 12.12 6.92 6.65
N GLY A 20 11.52 6.69 5.49
CA GLY A 20 11.99 5.66 4.59
C GLY A 20 11.02 4.52 4.54
N ARG A 21 9.76 4.87 4.63
CA ARG A 21 8.71 3.88 4.75
C ARG A 21 7.68 4.02 3.63
N PRO A 22 7.84 3.26 2.56
CA PRO A 22 6.83 3.16 1.50
C PRO A 22 5.86 2.08 1.82
N PHE A 23 4.75 2.52 2.34
CA PHE A 23 3.73 1.63 2.79
C PHE A 23 2.87 1.45 1.56
N PHE A 24 2.68 0.25 1.10
CA PHE A 24 1.73 0.05 0.03
C PHE A 24 0.39 -0.21 0.70
N TYR A 25 -0.49 0.78 0.71
CA TYR A 25 -1.70 0.68 1.51
C TYR A 25 -2.97 0.50 0.66
N ASP A 26 -3.76 -0.54 1.01
CA ASP A 26 -4.98 -0.91 0.28
C ASP A 26 -6.16 -0.13 0.90
N HIS A 27 -6.99 0.52 0.09
CA HIS A 27 -8.06 1.38 0.62
C HIS A 27 -9.31 0.57 0.89
N ASN A 28 -9.34 -0.67 0.45
CA ASN A 28 -10.53 -1.51 0.56
C ASN A 28 -10.51 -2.29 1.85
N THR A 29 -9.30 -2.58 2.31
CA THR A 29 -9.11 -3.26 3.58
C THR A 29 -8.44 -2.34 4.58
N LYS A 30 -8.02 -1.17 4.09
CA LYS A 30 -7.36 -0.15 4.91
C LYS A 30 -6.09 -0.70 5.56
N THR A 31 -5.41 -1.57 4.84
CA THR A 31 -4.22 -2.20 5.36
C THR A 31 -2.96 -1.55 4.81
N THR A 32 -2.06 -1.17 5.70
CA THR A 32 -0.74 -0.71 5.34
C THR A 32 0.20 -1.92 5.29
N THR A 33 0.79 -2.18 4.14
CA THR A 33 1.66 -3.34 4.01
C THR A 33 2.94 -2.98 3.28
N TRP A 34 4.07 -3.51 3.72
CA TRP A 34 5.31 -3.28 2.99
C TRP A 34 5.51 -4.43 2.01
N GLU A 35 4.57 -5.37 2.03
CA GLU A 35 4.61 -6.56 1.20
C GLU A 35 3.96 -6.29 -0.15
N ASP A 36 4.43 -6.98 -1.19
CA ASP A 36 3.95 -6.75 -2.55
C ASP A 36 2.45 -7.04 -2.70
N PRO A 37 1.66 -6.00 -2.93
CA PRO A 37 0.20 -6.05 -3.08
C PRO A 37 -0.21 -6.49 -4.44
N ARG A 38 0.77 -6.57 -5.27
CA ARG A 38 0.58 -6.84 -6.65
C ARG A 38 0.40 -8.31 -6.72
N LEU A 39 0.66 -8.91 -5.56
CA LEU A 39 0.42 -10.31 -5.38
C LEU A 39 -1.07 -10.60 -5.59
N LYS A 40 -1.88 -9.60 -5.28
CA LYS A 40 -3.34 -9.72 -5.21
C LYS A 40 -3.98 -9.68 -6.58
N PHE A 41 -3.17 -9.35 -7.58
CA PHE A 41 -3.65 -9.07 -8.94
C PHE A 41 -4.78 -9.92 -9.54
N PRO A 42 -4.75 -11.17 -9.27
CA PRO A 42 -5.80 -12.16 -9.53
C PRO A 42 -7.18 -11.70 -9.02
N VAL A 43 -7.19 -10.61 -8.25
CA VAL A 43 -8.42 -9.97 -7.76
C VAL A 43 -9.31 -9.50 -8.91
N HIS A 44 -8.74 -9.58 -10.07
CA HIS A 44 -9.42 -9.20 -11.30
C HIS A 44 -9.44 -10.36 -12.28
N ALA B 1 -4.60 14.62 2.32
CA ALA B 1 -5.79 13.79 2.61
C ALA B 1 -5.47 12.76 3.69
N GLY B 2 -6.40 11.85 3.93
CA GLY B 2 -6.15 10.77 4.88
C GLY B 2 -5.33 9.68 4.26
N PRO B 4 -2.03 7.07 3.79
CA PRO B 4 -1.29 6.10 4.61
C PRO B 4 0.07 6.63 5.06
N ASN B 5 0.16 7.07 6.32
CA ASN B 5 1.45 7.42 6.90
C ASN B 5 1.73 6.56 8.15
N LEU B 6 0.72 5.91 8.67
CA LEU B 6 0.89 5.05 9.83
C LEU B 6 1.68 3.79 9.47
N PRO B 8 2.96 0.26 9.92
CA PRO B 8 2.64 -0.97 10.65
C PRO B 8 3.90 -1.68 11.12
N ASN B 9 3.92 -2.08 12.38
CA ASN B 9 5.03 -2.86 12.90
C ASN B 9 4.92 -4.30 12.41
N PRO B 10 5.95 -4.80 11.72
CA PRO B 10 5.95 -6.14 11.16
C PRO B 10 6.31 -7.21 12.20
N GLN A 5 -3.45 2.97 -11.59
CA GLN A 5 -2.35 2.03 -11.26
C GLN A 5 -1.03 2.54 -11.78
N SER A 6 0.01 2.35 -11.00
CA SER A 6 1.35 2.73 -11.41
C SER A 6 2.28 1.52 -11.45
N PHE A 7 2.69 1.05 -10.27
CA PHE A 7 3.53 -0.15 -10.16
C PHE A 7 2.48 -1.20 -9.88
N LEU A 8 1.42 -0.60 -9.34
CA LEU A 8 0.77 -1.04 -8.15
C LEU A 8 -0.74 -1.12 -8.37
N PRO A 9 -1.41 -2.09 -7.73
CA PRO A 9 -2.83 -2.45 -8.01
C PRO A 9 -3.82 -1.28 -7.76
N PRO A 10 -5.12 -1.46 -8.10
CA PRO A 10 -6.18 -0.45 -7.87
C PRO A 10 -6.71 -0.43 -6.42
N GLY A 11 -5.83 -0.68 -5.47
CA GLY A 11 -6.17 -0.65 -4.05
C GLY A 11 -5.34 0.37 -3.36
N TRP A 12 -4.49 1.03 -4.10
CA TRP A 12 -3.20 1.29 -3.55
C TRP A 12 -2.74 2.73 -3.59
N GLU A 13 -2.30 3.13 -2.41
CA GLU A 13 -1.62 4.40 -2.21
C GLU A 13 -0.15 4.11 -2.00
N MET A 14 0.70 4.59 -2.88
CA MET A 14 2.11 4.48 -2.65
C MET A 14 2.56 5.70 -1.90
N ARG A 15 2.74 5.53 -0.62
CA ARG A 15 3.14 6.62 0.23
C ARG A 15 4.49 6.33 0.83
N ILE A 16 5.46 7.07 0.36
CA ILE A 16 6.80 7.02 0.92
C ILE A 16 6.89 8.06 2.02
N ALA A 17 7.15 7.56 3.21
CA ALA A 17 7.01 8.32 4.42
C ALA A 17 8.30 9.03 4.73
N PRO A 18 8.25 10.19 5.40
CA PRO A 18 9.43 10.99 5.75
C PRO A 18 10.54 10.21 6.48
N ASN A 19 10.31 8.94 6.82
CA ASN A 19 11.32 8.14 7.48
C ASN A 19 11.98 7.20 6.48
N GLY A 20 11.34 7.05 5.33
CA GLY A 20 11.82 6.12 4.33
C GLY A 20 10.93 4.92 4.25
N ARG A 21 9.67 5.11 4.61
CA ARG A 21 8.69 4.03 4.61
C ARG A 21 7.67 4.22 3.50
N PRO A 22 7.83 3.54 2.37
CA PRO A 22 6.78 3.47 1.36
C PRO A 22 5.89 2.30 1.63
N PHE A 23 4.75 2.65 2.22
CA PHE A 23 3.83 1.69 2.69
C PHE A 23 2.94 1.48 1.47
N PHE A 24 2.78 0.29 0.99
CA PHE A 24 1.86 0.09 -0.10
C PHE A 24 0.50 -0.19 0.55
N TYR A 25 -0.40 0.79 0.56
CA TYR A 25 -1.62 0.66 1.34
C TYR A 25 -2.87 0.46 0.48
N ASP A 26 -3.64 -0.58 0.83
CA ASP A 26 -4.85 -0.99 0.11
C ASP A 26 -6.04 -0.25 0.71
N HIS A 27 -6.93 0.30 -0.10
CA HIS A 27 -8.05 1.07 0.43
C HIS A 27 -9.30 0.22 0.50
N ASN A 28 -9.21 -1.02 0.01
CA ASN A 28 -10.34 -1.94 0.04
C ASN A 28 -10.48 -2.52 1.43
N THR A 29 -9.35 -2.91 1.99
CA THR A 29 -9.28 -3.49 3.31
C THR A 29 -8.64 -2.53 4.30
N LYS A 30 -8.08 -1.44 3.77
CA LYS A 30 -7.33 -0.46 4.56
C LYS A 30 -6.10 -1.10 5.20
N THR A 31 -5.39 -1.88 4.40
CA THR A 31 -4.21 -2.58 4.87
C THR A 31 -2.93 -1.82 4.49
N THR A 32 -2.16 -1.44 5.49
CA THR A 32 -0.83 -0.87 5.26
C THR A 32 0.20 -2.00 5.24
N THR A 33 0.77 -2.28 4.07
CA THR A 33 1.66 -3.40 3.93
C THR A 33 2.98 -2.96 3.30
N TRP A 34 4.06 -3.64 3.64
CA TRP A 34 5.32 -3.42 2.96
C TRP A 34 5.57 -4.58 2.01
N GLU A 35 4.69 -5.58 2.10
CA GLU A 35 4.76 -6.77 1.28
C GLU A 35 4.07 -6.53 -0.06
N ASP A 36 4.54 -7.20 -1.10
CA ASP A 36 4.06 -6.93 -2.46
C ASP A 36 2.55 -7.16 -2.58
N PRO A 37 1.84 -6.05 -2.82
CA PRO A 37 0.37 -5.96 -2.99
C PRO A 37 -0.07 -6.36 -4.35
N ARG A 38 0.86 -6.53 -5.21
CA ARG A 38 0.58 -6.77 -6.56
C ARG A 38 0.23 -8.23 -6.61
N LEU A 39 0.48 -8.84 -5.47
CA LEU A 39 0.11 -10.20 -5.25
C LEU A 39 -1.43 -10.36 -5.30
N LYS A 40 -2.16 -9.28 -4.99
CA LYS A 40 -3.62 -9.28 -4.93
C LYS A 40 -4.24 -9.18 -6.31
N PHE A 41 -3.38 -8.91 -7.31
CA PHE A 41 -3.79 -8.70 -8.72
C PHE A 41 -4.91 -9.60 -9.29
N PRO A 42 -4.84 -10.85 -8.97
CA PRO A 42 -5.84 -11.89 -9.21
C PRO A 42 -7.27 -11.46 -8.81
N VAL A 43 -7.37 -10.32 -8.12
CA VAL A 43 -8.65 -9.72 -7.73
C VAL A 43 -9.56 -9.45 -8.93
N HIS A 44 -8.97 -9.60 -10.07
CA HIS A 44 -9.66 -9.52 -11.36
C HIS A 44 -8.68 -9.83 -12.49
N ALA B 1 -1.86 13.35 5.72
CA ALA B 1 -2.54 12.70 6.87
C ALA B 1 -3.72 11.86 6.41
N GLY B 2 -4.45 12.36 5.42
CA GLY B 2 -5.58 11.62 4.88
C GLY B 2 -5.16 10.38 4.13
N PRO B 4 -2.43 7.15 3.54
CA PRO B 4 -1.74 6.20 4.43
C PRO B 4 -0.35 6.65 4.84
N ASN B 5 -0.22 7.07 6.09
CA ASN B 5 1.09 7.35 6.68
C ASN B 5 1.35 6.48 7.89
N LEU B 6 0.30 5.85 8.41
CA LEU B 6 0.44 4.98 9.58
C LEU B 6 1.38 3.81 9.30
N PRO B 8 2.96 0.52 10.00
CA PRO B 8 2.75 -0.69 10.79
C PRO B 8 4.07 -1.31 11.25
N ASN B 9 4.23 -1.46 12.55
CA ASN B 9 5.40 -2.15 13.10
C ASN B 9 5.14 -3.64 13.18
N PRO B 10 5.84 -4.42 12.35
CA PRO B 10 5.67 -5.87 12.29
C PRO B 10 6.57 -6.59 13.29
N GLN A 5 -1.89 5.04 -9.83
CA GLN A 5 -0.46 4.72 -9.99
C GLN A 5 -0.28 3.53 -10.92
N SER A 6 0.90 3.44 -11.53
CA SER A 6 1.13 2.48 -12.60
C SER A 6 1.75 1.17 -12.09
N PHE A 7 2.27 1.17 -10.86
CA PHE A 7 3.08 0.04 -10.39
C PHE A 7 2.03 -0.99 -10.08
N LEU A 8 1.01 -0.40 -9.47
CA LEU A 8 0.39 -0.91 -8.27
C LEU A 8 -1.15 -0.96 -8.43
N PRO A 9 -1.79 -1.96 -7.80
CA PRO A 9 -3.22 -2.27 -7.99
C PRO A 9 -4.15 -1.11 -7.60
N PRO A 10 -5.46 -1.20 -7.96
CA PRO A 10 -6.47 -0.19 -7.60
C PRO A 10 -6.95 -0.31 -6.15
N GLY A 11 -6.05 -0.65 -5.23
CA GLY A 11 -6.36 -0.74 -3.82
C GLY A 11 -5.56 0.25 -3.07
N TRP A 12 -4.73 0.95 -3.78
CA TRP A 12 -3.47 1.27 -3.22
C TRP A 12 -3.12 2.71 -3.23
N GLU A 13 -2.39 3.05 -2.19
CA GLU A 13 -1.80 4.36 -2.01
C GLU A 13 -0.34 4.14 -1.66
N MET A 14 0.54 4.43 -2.60
CA MET A 14 1.96 4.22 -2.37
C MET A 14 2.54 5.46 -1.77
N ARG A 15 2.75 5.45 -0.47
CA ARG A 15 3.36 6.58 0.18
C ARG A 15 4.71 6.16 0.72
N ILE A 16 5.74 6.76 0.16
CA ILE A 16 7.07 6.61 0.69
C ILE A 16 7.28 7.69 1.70
N ALA A 17 7.44 7.25 2.93
CA ALA A 17 7.32 8.12 4.06
C ALA A 17 8.68 8.73 4.35
N PRO A 18 8.72 9.94 4.91
CA PRO A 18 9.98 10.67 5.18
C PRO A 18 10.96 9.91 6.09
N ASN A 19 10.66 8.67 6.46
CA ASN A 19 11.59 7.86 7.22
C ASN A 19 12.22 6.80 6.32
N GLY A 20 11.60 6.59 5.16
CA GLY A 20 12.08 5.60 4.23
C GLY A 20 11.12 4.44 4.13
N ARG A 21 9.85 4.74 4.36
CA ARG A 21 8.82 3.71 4.40
C ARG A 21 7.76 3.92 3.34
N PRO A 22 7.84 3.19 2.23
CA PRO A 22 6.77 3.13 1.24
C PRO A 22 5.81 2.04 1.59
N PHE A 23 4.71 2.47 2.16
CA PHE A 23 3.74 1.57 2.66
C PHE A 23 2.83 1.36 1.47
N PHE A 24 2.67 0.15 1.02
CA PHE A 24 1.72 -0.08 -0.04
C PHE A 24 0.38 -0.37 0.66
N TYR A 25 -0.49 0.62 0.76
CA TYR A 25 -1.68 0.49 1.62
C TYR A 25 -2.98 0.31 0.80
N ASP A 26 -3.71 -0.76 1.14
CA ASP A 26 -4.91 -1.23 0.39
C ASP A 26 -6.15 -0.54 0.98
N HIS A 27 -7.10 -0.16 0.14
CA HIS A 27 -8.25 0.62 0.60
C HIS A 27 -9.48 -0.27 0.72
N ASN A 28 -9.61 -0.89 1.88
CA ASN A 28 -10.74 -1.75 2.21
C ASN A 28 -10.79 -2.00 3.72
N THR A 29 -9.88 -2.83 4.21
CA THR A 29 -9.79 -3.09 5.63
C THR A 29 -8.74 -2.20 6.30
N LYS A 30 -8.39 -1.12 5.61
CA LYS A 30 -7.40 -0.15 6.10
C LYS A 30 -6.06 -0.84 6.32
N THR A 31 -5.60 -1.55 5.31
CA THR A 31 -4.43 -2.40 5.45
C THR A 31 -3.15 -1.74 4.94
N THR A 32 -2.29 -1.36 5.87
CA THR A 32 -0.95 -0.88 5.54
C THR A 32 0.00 -2.07 5.51
N THR A 33 0.66 -2.28 4.39
CA THR A 33 1.53 -3.43 4.23
C THR A 33 2.76 -3.05 3.41
N TRP A 34 3.89 -3.70 3.64
CA TRP A 34 5.09 -3.42 2.87
C TRP A 34 5.27 -4.50 1.82
N GLU A 35 4.46 -5.53 1.95
CA GLU A 35 4.45 -6.66 1.05
C GLU A 35 3.91 -6.22 -0.30
N ASP A 36 4.47 -6.77 -1.37
CA ASP A 36 4.10 -6.37 -2.71
C ASP A 36 2.64 -6.72 -3.02
N PRO A 37 1.81 -5.69 -3.21
CA PRO A 37 0.35 -5.80 -3.40
C PRO A 37 0.01 -6.20 -4.79
N ARG A 38 1.00 -6.19 -5.61
CA ARG A 38 0.84 -6.43 -6.98
C ARG A 38 0.75 -7.91 -7.11
N LEU A 39 1.03 -8.54 -5.96
CA LEU A 39 0.84 -9.94 -5.82
C LEU A 39 -0.65 -10.28 -5.96
N LYS A 40 -1.49 -9.29 -5.63
CA LYS A 40 -2.95 -9.45 -5.54
C LYS A 40 -3.59 -9.47 -6.91
N PHE A 41 -2.80 -9.14 -7.93
CA PHE A 41 -3.27 -8.92 -9.31
C PHE A 41 -4.36 -9.82 -9.93
N PRO A 42 -4.38 -11.05 -9.53
CA PRO A 42 -5.45 -12.03 -9.74
C PRO A 42 -6.85 -11.47 -9.39
N VAL A 43 -6.91 -10.26 -8.79
CA VAL A 43 -8.17 -9.55 -8.49
C VAL A 43 -9.16 -9.51 -9.65
N HIS A 44 -8.67 -9.94 -10.78
CA HIS A 44 -9.41 -10.01 -12.05
C HIS A 44 -10.31 -8.80 -12.27
N ALA B 1 -3.82 13.86 2.64
CA ALA B 1 -5.00 14.16 3.49
C ALA B 1 -5.39 12.95 4.31
N GLY B 2 -5.80 11.87 3.64
CA GLY B 2 -6.11 10.63 4.31
C GLY B 2 -5.17 9.53 3.87
N PRO B 4 -1.98 6.96 3.67
CA PRO B 4 -1.26 6.04 4.53
C PRO B 4 0.14 6.53 4.95
N ASN B 5 0.26 6.97 6.21
CA ASN B 5 1.55 7.32 6.79
C ASN B 5 1.88 6.46 8.00
N LEU B 6 0.90 5.78 8.53
CA LEU B 6 1.11 4.93 9.71
C LEU B 6 1.90 3.67 9.33
N PRO B 8 3.04 0.19 9.86
CA PRO B 8 2.65 -0.98 10.63
C PRO B 8 3.78 -1.51 11.50
N ASN B 9 3.53 -1.58 12.80
CA ASN B 9 4.47 -2.17 13.72
C ASN B 9 4.22 -3.68 13.82
N PRO B 10 5.20 -4.49 13.41
CA PRO B 10 5.10 -5.93 13.44
C PRO B 10 5.58 -6.50 14.76
N GLN A 5 -2.94 3.06 -10.84
CA GLN A 5 -1.60 3.25 -10.25
C GLN A 5 -0.56 2.55 -11.10
N SER A 6 0.62 3.13 -11.09
CA SER A 6 1.65 2.79 -12.07
C SER A 6 2.25 1.40 -11.87
N PHE A 7 2.61 1.06 -10.64
CA PHE A 7 3.41 -0.14 -10.37
C PHE A 7 2.35 -1.18 -10.12
N LEU A 8 1.31 -0.59 -9.54
CA LEU A 8 0.66 -1.08 -8.35
C LEU A 8 -0.86 -1.15 -8.55
N PRO A 9 -1.56 -2.09 -7.87
CA PRO A 9 -2.99 -2.37 -8.10
C PRO A 9 -3.89 -1.13 -7.84
N PRO A 10 -5.20 -1.21 -8.18
CA PRO A 10 -6.16 -0.08 -8.04
C PRO A 10 -6.65 0.14 -6.58
N GLY A 11 -5.85 -0.27 -5.61
CA GLY A 11 -6.19 -0.11 -4.22
C GLY A 11 -5.22 0.79 -3.55
N TRP A 12 -4.29 1.29 -4.30
CA TRP A 12 -2.98 1.43 -3.74
C TRP A 12 -2.36 2.80 -3.76
N GLU A 13 -2.07 3.21 -2.56
CA GLU A 13 -1.35 4.44 -2.27
C GLU A 13 0.09 4.07 -1.97
N MET A 14 1.01 4.38 -2.86
CA MET A 14 2.40 4.16 -2.57
C MET A 14 2.96 5.39 -1.91
N ARG A 15 2.98 5.37 -0.60
CA ARG A 15 3.53 6.48 0.14
C ARG A 15 4.85 6.08 0.76
N ILE A 16 5.90 6.65 0.25
CA ILE A 16 7.22 6.51 0.84
C ILE A 16 7.38 7.63 1.83
N ALA A 17 7.55 7.24 3.07
CA ALA A 17 7.45 8.17 4.16
C ALA A 17 8.84 8.76 4.41
N PRO A 18 8.92 10.01 4.90
CA PRO A 18 10.20 10.71 5.10
C PRO A 18 11.18 9.96 6.02
N ASN A 19 10.73 8.85 6.59
CA ASN A 19 11.56 8.04 7.47
C ASN A 19 12.05 6.79 6.75
N GLY A 20 11.44 6.48 5.62
CA GLY A 20 11.85 5.30 4.87
C GLY A 20 10.79 4.23 4.89
N ARG A 21 9.54 4.68 4.97
CA ARG A 21 8.41 3.78 4.99
C ARG A 21 7.56 3.93 3.73
N PRO A 22 7.76 3.13 2.71
CA PRO A 22 6.82 3.04 1.60
C PRO A 22 5.78 2.00 1.87
N PHE A 23 4.64 2.50 2.30
CA PHE A 23 3.57 1.65 2.67
C PHE A 23 2.78 1.47 1.38
N PHE A 24 2.59 0.25 0.95
CA PHE A 24 1.70 0.02 -0.15
C PHE A 24 0.32 -0.18 0.47
N TYR A 25 -0.52 0.85 0.47
CA TYR A 25 -1.76 0.80 1.23
C TYR A 25 -3.01 0.75 0.34
N ASP A 26 -3.89 -0.21 0.66
CA ASP A 26 -5.13 -0.47 -0.11
C ASP A 26 -6.26 0.41 0.47
N HIS A 27 -7.03 1.08 -0.38
CA HIS A 27 -8.04 2.05 0.10
C HIS A 27 -9.37 1.37 0.40
N ASN A 28 -9.48 0.10 0.05
CA ASN A 28 -10.76 -0.61 0.20
C ASN A 28 -10.79 -1.38 1.50
N THR A 29 -9.70 -2.10 1.77
CA THR A 29 -9.58 -2.88 2.98
C THR A 29 -8.82 -2.08 4.04
N LYS A 30 -8.33 -0.91 3.63
CA LYS A 30 -7.56 -0.02 4.52
C LYS A 30 -6.32 -0.73 5.02
N THR A 31 -5.67 -1.49 4.16
CA THR A 31 -4.53 -2.28 4.57
C THR A 31 -3.21 -1.57 4.28
N THR A 32 -2.51 -1.20 5.34
CA THR A 32 -1.16 -0.70 5.21
C THR A 32 -0.20 -1.88 5.29
N THR A 33 0.56 -2.09 4.23
CA THR A 33 1.41 -3.26 4.13
C THR A 33 2.68 -2.89 3.37
N TRP A 34 3.81 -3.44 3.73
CA TRP A 34 5.02 -3.17 2.96
C TRP A 34 5.23 -4.30 1.97
N GLU A 35 4.49 -5.38 2.19
CA GLU A 35 4.50 -6.53 1.32
C GLU A 35 3.85 -6.17 0.00
N ASP A 36 4.45 -6.61 -1.10
CA ASP A 36 4.02 -6.24 -2.44
C ASP A 36 2.57 -6.65 -2.72
N PRO A 37 1.70 -5.64 -2.85
CA PRO A 37 0.23 -5.78 -3.04
C PRO A 37 -0.14 -6.24 -4.41
N ARG A 38 0.84 -6.28 -5.27
CA ARG A 38 0.63 -6.64 -6.62
C ARG A 38 0.51 -8.13 -6.56
N LEU A 39 0.82 -8.62 -5.36
CA LEU A 39 0.59 -9.99 -5.03
C LEU A 39 -0.89 -10.31 -5.19
N LYS A 40 -1.72 -9.29 -4.94
CA LYS A 40 -3.16 -9.42 -4.76
C LYS A 40 -3.88 -9.61 -6.08
N PHE A 41 -3.14 -9.41 -7.16
CA PHE A 41 -3.71 -9.29 -8.52
C PHE A 41 -4.89 -10.19 -8.94
N PRO A 42 -4.83 -11.41 -8.53
CA PRO A 42 -5.90 -12.40 -8.60
C PRO A 42 -7.23 -11.89 -8.02
N VAL A 43 -7.17 -10.72 -7.37
CA VAL A 43 -8.36 -10.03 -6.85
C VAL A 43 -9.31 -9.64 -7.97
N HIS A 44 -8.83 -9.80 -9.14
CA HIS A 44 -9.57 -9.48 -10.36
C HIS A 44 -9.52 -10.66 -11.31
N ALA B 1 -5.70 12.50 6.97
CA ALA B 1 -5.58 11.09 7.44
C ALA B 1 -6.03 10.12 6.35
N GLY B 2 -6.16 10.62 5.12
CA GLY B 2 -6.61 9.78 4.02
C GLY B 2 -5.48 9.03 3.36
N PRO B 4 -1.86 6.96 3.48
CA PRO B 4 -1.11 6.05 4.33
C PRO B 4 0.16 6.66 4.93
N ASN B 5 0.10 7.03 6.20
CA ASN B 5 1.29 7.44 6.94
C ASN B 5 1.53 6.54 8.15
N LEU B 6 0.51 5.76 8.53
CA LEU B 6 0.64 4.86 9.67
C LEU B 6 1.50 3.66 9.30
N PRO B 8 2.90 0.20 9.61
CA PRO B 8 2.69 -1.08 10.28
C PRO B 8 3.95 -1.56 10.99
N ASN B 9 3.80 -1.98 12.24
CA ASN B 9 4.94 -2.42 13.03
C ASN B 9 5.49 -3.74 12.51
N PRO B 10 6.79 -3.77 12.16
CA PRO B 10 7.44 -4.99 11.70
C PRO B 10 7.84 -5.88 12.87
N GLN A 5 -2.11 2.79 -8.21
CA GLN A 5 -0.89 3.50 -8.68
C GLN A 5 -0.35 2.87 -9.96
N SER A 6 0.70 3.46 -10.50
CA SER A 6 1.25 3.03 -11.78
C SER A 6 1.93 1.66 -11.69
N PHE A 7 2.33 1.27 -10.48
CA PHE A 7 3.14 0.06 -10.29
C PHE A 7 2.09 -0.97 -9.99
N LEU A 8 1.06 -0.38 -9.38
CA LEU A 8 0.49 -0.88 -8.16
C LEU A 8 -1.04 -0.98 -8.27
N PRO A 9 -1.64 -2.01 -7.61
CA PRO A 9 -3.06 -2.41 -7.84
C PRO A 9 -4.07 -1.27 -7.53
N PRO A 10 -5.37 -1.49 -7.81
CA PRO A 10 -6.44 -0.48 -7.60
C PRO A 10 -6.83 -0.26 -6.13
N GLY A 11 -5.92 -0.55 -5.21
CA GLY A 11 -6.18 -0.37 -3.79
C GLY A 11 -5.23 0.61 -3.22
N TRP A 12 -4.37 1.11 -4.07
CA TRP A 12 -3.03 1.35 -3.61
C TRP A 12 -2.50 2.74 -3.79
N GLU A 13 -1.91 3.17 -2.70
CA GLU A 13 -1.26 4.45 -2.59
C GLU A 13 0.15 4.21 -2.06
N MET A 14 1.15 4.49 -2.88
CA MET A 14 2.53 4.24 -2.48
C MET A 14 3.08 5.48 -1.82
N ARG A 15 3.14 5.45 -0.51
CA ARG A 15 3.65 6.58 0.22
C ARG A 15 4.98 6.25 0.86
N ILE A 16 6.00 6.90 0.38
CA ILE A 16 7.33 6.79 0.93
C ILE A 16 7.49 7.83 2.02
N ALA A 17 7.75 7.32 3.21
CA ALA A 17 7.67 8.09 4.42
C ALA A 17 9.01 8.74 4.72
N PRO A 18 9.02 9.90 5.40
CA PRO A 18 10.25 10.63 5.73
C PRO A 18 11.32 9.79 6.47
N ASN A 19 11.01 8.52 6.79
CA ASN A 19 11.99 7.65 7.41
C ASN A 19 12.59 6.71 6.37
N GLY A 20 11.94 6.64 5.22
CA GLY A 20 12.36 5.73 4.17
C GLY A 20 11.41 4.55 4.06
N ARG A 21 10.20 4.74 4.55
CA ARG A 21 9.19 3.69 4.56
C ARG A 21 8.11 3.94 3.51
N PRO A 22 8.18 3.26 2.37
CA PRO A 22 7.11 3.26 1.39
C PRO A 22 6.13 2.16 1.67
N PHE A 23 5.02 2.60 2.23
CA PHE A 23 4.03 1.70 2.70
C PHE A 23 3.14 1.50 1.48
N PHE A 24 2.91 0.30 1.06
CA PHE A 24 1.97 0.10 0.00
C PHE A 24 0.60 -0.07 0.66
N TYR A 25 -0.24 0.96 0.68
CA TYR A 25 -1.47 0.90 1.47
C TYR A 25 -2.73 0.72 0.60
N ASP A 26 -3.54 -0.26 0.99
CA ASP A 26 -4.75 -0.68 0.27
C ASP A 26 -5.94 0.15 0.80
N HIS A 27 -6.89 0.50 -0.06
CA HIS A 27 -7.98 1.39 0.37
C HIS A 27 -9.29 0.63 0.58
N ASN A 28 -9.41 -0.56 -0.01
CA ASN A 28 -10.64 -1.33 0.12
C ASN A 28 -10.59 -2.18 1.39
N THR A 29 -9.41 -2.29 1.96
CA THR A 29 -9.22 -2.93 3.25
C THR A 29 -8.63 -1.94 4.25
N LYS A 30 -8.12 -0.82 3.72
CA LYS A 30 -7.41 0.18 4.51
C LYS A 30 -6.29 -0.46 5.31
N THR A 31 -5.48 -1.25 4.64
CA THR A 31 -4.39 -1.94 5.31
C THR A 31 -3.05 -1.43 4.79
N THR A 32 -2.17 -1.07 5.71
CA THR A 32 -0.83 -0.66 5.39
C THR A 32 0.10 -1.87 5.37
N THR A 33 0.79 -2.09 4.27
CA THR A 33 1.66 -3.24 4.14
C THR A 33 2.99 -2.84 3.53
N TRP A 34 4.04 -3.55 3.88
CA TRP A 34 5.32 -3.34 3.21
C TRP A 34 5.49 -4.41 2.15
N GLU A 35 4.58 -5.37 2.15
CA GLU A 35 4.62 -6.49 1.24
C GLU A 35 4.01 -6.11 -0.09
N ASP A 36 4.52 -6.72 -1.16
CA ASP A 36 4.09 -6.35 -2.50
C ASP A 36 2.61 -6.67 -2.74
N PRO A 37 1.83 -5.61 -2.98
CA PRO A 37 0.37 -5.64 -3.11
C PRO A 37 -0.08 -6.10 -4.45
N ARG A 38 0.87 -6.23 -5.32
CA ARG A 38 0.61 -6.52 -6.67
C ARG A 38 0.40 -7.99 -6.68
N LEU A 39 0.69 -8.56 -5.51
CA LEU A 39 0.37 -9.93 -5.27
C LEU A 39 -1.15 -10.09 -5.26
N LYS A 40 -1.82 -8.97 -4.92
CA LYS A 40 -3.27 -8.89 -4.73
C LYS A 40 -4.00 -8.80 -6.07
N PHE A 41 -3.23 -8.63 -7.14
CA PHE A 41 -3.77 -8.50 -8.51
C PHE A 41 -4.94 -9.41 -8.94
N PRO A 42 -4.87 -10.64 -8.54
CA PRO A 42 -5.89 -11.70 -8.65
C PRO A 42 -7.33 -11.27 -8.33
N VAL A 43 -7.51 -10.04 -7.80
CA VAL A 43 -8.83 -9.50 -7.41
C VAL A 43 -9.97 -9.72 -8.40
N HIS A 44 -9.59 -10.17 -9.55
CA HIS A 44 -10.50 -10.49 -10.67
C HIS A 44 -11.63 -9.46 -10.82
N ALA B 1 -10.30 8.62 3.53
CA ALA B 1 -9.21 8.98 4.48
C ALA B 1 -8.09 9.69 3.74
N GLY B 2 -7.05 10.07 4.47
CA GLY B 2 -5.92 10.75 3.87
C GLY B 2 -4.94 9.79 3.22
N PRO B 4 -1.47 7.32 3.20
CA PRO B 4 -0.76 6.38 4.07
C PRO B 4 0.50 6.97 4.71
N ASN B 5 0.43 7.28 5.99
CA ASN B 5 1.62 7.66 6.76
C ASN B 5 1.88 6.72 7.94
N LEU B 6 0.87 5.92 8.28
CA LEU B 6 0.98 5.03 9.44
C LEU B 6 1.81 3.79 9.09
N PRO B 8 2.92 0.28 9.69
CA PRO B 8 2.51 -0.93 10.39
C PRO B 8 3.68 -1.69 10.97
N ASN B 9 3.63 -1.94 12.27
CA ASN B 9 4.67 -2.68 12.95
C ASN B 9 4.46 -4.19 12.79
N PRO B 10 5.39 -4.85 12.09
CA PRO B 10 5.32 -6.29 11.84
C PRO B 10 5.75 -7.10 13.06
N GLN A 5 -2.61 4.27 -9.47
CA GLN A 5 -1.15 4.00 -9.44
C GLN A 5 -0.71 3.24 -10.67
N SER A 6 0.57 3.34 -10.97
CA SER A 6 1.10 2.77 -12.19
C SER A 6 1.90 1.49 -11.95
N PHE A 7 2.26 1.23 -10.71
CA PHE A 7 3.08 0.05 -10.39
C PHE A 7 2.01 -0.97 -10.10
N LEU A 8 0.97 -0.36 -9.54
CA LEU A 8 0.34 -0.80 -8.34
C LEU A 8 -1.19 -0.88 -8.51
N PRO A 9 -1.83 -1.87 -7.86
CA PRO A 9 -3.27 -2.19 -8.05
C PRO A 9 -4.20 -1.00 -7.71
N PRO A 10 -5.51 -1.13 -8.03
CA PRO A 10 -6.54 -0.10 -7.72
C PRO A 10 -6.98 -0.11 -6.24
N GLY A 11 -6.05 -0.40 -5.34
CA GLY A 11 -6.33 -0.38 -3.91
C GLY A 11 -5.45 0.60 -3.24
N TRP A 12 -4.62 1.23 -4.00
CA TRP A 12 -3.31 1.50 -3.49
C TRP A 12 -2.85 2.92 -3.56
N GLU A 13 -2.18 3.27 -2.49
CA GLU A 13 -1.51 4.54 -2.31
C GLU A 13 -0.09 4.23 -1.86
N MET A 14 0.87 4.37 -2.76
CA MET A 14 2.24 4.07 -2.42
C MET A 14 2.89 5.31 -1.86
N ARG A 15 3.15 5.28 -0.58
CA ARG A 15 3.80 6.41 0.04
C ARG A 15 5.05 5.96 0.73
N ILE A 16 6.16 6.45 0.23
CA ILE A 16 7.43 6.32 0.88
C ILE A 16 7.59 7.50 1.78
N ALA A 17 7.61 7.18 3.05
CA ALA A 17 7.42 8.14 4.09
C ALA A 17 8.76 8.74 4.47
N PRO A 18 8.79 10.00 4.92
CA PRO A 18 10.03 10.70 5.27
C PRO A 18 10.87 10.01 6.35
N ASN A 19 10.48 8.82 6.80
CA ASN A 19 11.30 8.06 7.73
C ASN A 19 11.95 6.89 7.01
N GLY A 20 11.47 6.60 5.81
CA GLY A 20 12.02 5.51 5.02
C GLY A 20 11.04 4.38 4.92
N ARG A 21 9.78 4.74 4.74
CA ARG A 21 8.70 3.76 4.79
C ARG A 21 7.75 3.90 3.62
N PRO A 22 7.91 3.09 2.58
CA PRO A 22 6.94 2.98 1.49
C PRO A 22 5.93 1.93 1.80
N PHE A 23 4.80 2.43 2.27
CA PHE A 23 3.76 1.60 2.71
C PHE A 23 2.92 1.36 1.47
N PHE A 24 2.72 0.15 1.08
CA PHE A 24 1.77 -0.11 0.03
C PHE A 24 0.41 -0.31 0.70
N TYR A 25 -0.42 0.71 0.79
CA TYR A 25 -1.67 0.60 1.57
C TYR A 25 -2.91 0.52 0.68
N ASP A 26 -3.73 -0.50 0.97
CA ASP A 26 -4.93 -0.82 0.18
C ASP A 26 -6.13 -0.05 0.77
N HIS A 27 -7.08 0.36 -0.07
CA HIS A 27 -8.18 1.19 0.38
C HIS A 27 -9.52 0.44 0.38
N ASN A 28 -9.53 -0.82 -0.05
CA ASN A 28 -10.76 -1.60 -0.01
C ASN A 28 -10.72 -2.59 1.14
N THR A 29 -9.55 -2.75 1.74
CA THR A 29 -9.41 -3.52 2.96
C THR A 29 -8.60 -2.75 4.00
N LYS A 30 -8.18 -1.53 3.63
CA LYS A 30 -7.44 -0.63 4.53
C LYS A 30 -6.22 -1.30 5.15
N THR A 31 -5.43 -1.94 4.33
CA THR A 31 -4.27 -2.66 4.82
C THR A 31 -2.97 -1.91 4.52
N THR A 32 -2.25 -1.55 5.57
CA THR A 32 -0.92 -0.99 5.44
C THR A 32 0.09 -2.11 5.46
N THR A 33 0.81 -2.29 4.37
CA THR A 33 1.73 -3.40 4.24
C THR A 33 3.00 -2.95 3.55
N TRP A 34 4.12 -3.59 3.87
CA TRP A 34 5.33 -3.33 3.09
C TRP A 34 5.47 -4.44 2.06
N GLU A 35 4.56 -5.41 2.11
CA GLU A 35 4.57 -6.55 1.20
C GLU A 35 4.01 -6.13 -0.15
N ASP A 36 4.47 -6.77 -1.22
CA ASP A 36 4.03 -6.42 -2.56
C ASP A 36 2.55 -6.74 -2.76
N PRO A 37 1.74 -5.68 -2.90
CA PRO A 37 0.28 -5.71 -3.05
C PRO A 37 -0.15 -6.16 -4.40
N ARG A 38 0.80 -6.26 -5.26
CA ARG A 38 0.55 -6.59 -6.61
C ARG A 38 0.39 -8.08 -6.58
N LEU A 39 0.70 -8.62 -5.41
CA LEU A 39 0.44 -10.00 -5.14
C LEU A 39 -1.07 -10.25 -5.23
N LYS A 40 -1.81 -9.18 -4.93
CA LYS A 40 -3.28 -9.12 -4.84
C LYS A 40 -3.95 -9.40 -6.18
N PHE A 41 -3.16 -9.43 -7.25
CA PHE A 41 -3.68 -9.39 -8.63
C PHE A 41 -4.72 -10.41 -9.15
N PRO A 42 -4.89 -11.52 -8.50
CA PRO A 42 -6.01 -12.45 -8.68
C PRO A 42 -7.35 -11.78 -8.39
N VAL A 43 -7.27 -10.56 -7.83
CA VAL A 43 -8.45 -9.75 -7.47
C VAL A 43 -9.31 -9.40 -8.67
N HIS A 44 -8.79 -9.70 -9.81
CA HIS A 44 -9.44 -9.39 -11.08
C HIS A 44 -10.36 -10.53 -11.48
N ALA B 1 -4.57 14.03 5.18
CA ALA B 1 -5.28 13.20 6.18
C ALA B 1 -5.95 12.00 5.53
N GLY B 2 -5.76 11.85 4.22
CA GLY B 2 -6.37 10.74 3.50
C GLY B 2 -5.33 9.85 2.85
N PRO B 4 -1.99 7.05 3.42
CA PRO B 4 -1.28 6.11 4.30
C PRO B 4 0.08 6.62 4.78
N ASN B 5 0.15 7.04 6.05
CA ASN B 5 1.44 7.29 6.70
C ASN B 5 1.58 6.38 7.92
N LEU B 6 0.47 5.79 8.34
CA LEU B 6 0.50 4.87 9.49
C LEU B 6 1.39 3.66 9.19
N PRO B 8 2.90 0.28 9.66
CA PRO B 8 2.68 -0.98 10.36
C PRO B 8 4.00 -1.54 10.89
N ASN B 9 4.16 -1.50 12.20
CA ASN B 9 5.40 -1.91 12.84
C ASN B 9 5.44 -3.42 13.03
N PRO B 10 6.44 -4.10 12.43
CA PRO B 10 6.63 -5.53 12.58
C PRO B 10 7.30 -5.88 13.90
N GLN A 5 -3.37 3.55 -12.11
CA GLN A 5 -2.44 2.68 -11.35
C GLN A 5 -1.07 2.67 -12.03
N SER A 6 -0.05 2.90 -11.24
CA SER A 6 1.30 3.04 -11.76
C SER A 6 2.09 1.73 -11.65
N PHE A 7 2.53 1.40 -10.44
CA PHE A 7 3.33 0.18 -10.23
C PHE A 7 2.26 -0.82 -9.92
N LEU A 8 1.25 -0.22 -9.30
CA LEU A 8 0.66 -0.70 -8.08
C LEU A 8 -0.87 -0.74 -8.23
N PRO A 9 -1.52 -1.75 -7.59
CA PRO A 9 -2.95 -2.10 -7.83
C PRO A 9 -3.93 -0.94 -7.53
N PRO A 10 -5.25 -1.14 -7.81
CA PRO A 10 -6.31 -0.14 -7.56
C PRO A 10 -6.78 -0.05 -6.10
N GLY A 11 -5.87 -0.33 -5.17
CA GLY A 11 -6.16 -0.24 -3.76
C GLY A 11 -5.26 0.75 -3.12
N TRP A 12 -4.39 1.32 -3.91
CA TRP A 12 -3.09 1.57 -3.41
C TRP A 12 -2.60 2.99 -3.52
N GLU A 13 -1.99 3.37 -2.43
CA GLU A 13 -1.35 4.65 -2.30
C GLU A 13 0.11 4.42 -1.92
N MET A 14 1.02 4.83 -2.78
CA MET A 14 2.43 4.66 -2.50
C MET A 14 2.93 5.88 -1.77
N ARG A 15 3.22 5.69 -0.50
CA ARG A 15 3.74 6.77 0.31
C ARG A 15 5.05 6.34 0.93
N ILE A 16 6.11 6.99 0.49
CA ILE A 16 7.43 6.81 1.08
C ILE A 16 7.60 7.81 2.19
N ALA A 17 7.75 7.28 3.39
CA ALA A 17 7.69 8.08 4.58
C ALA A 17 9.08 8.60 4.91
N PRO A 18 9.18 9.77 5.55
CA PRO A 18 10.46 10.42 5.88
C PRO A 18 11.37 9.58 6.79
N ASN A 19 10.96 8.36 7.11
CA ASN A 19 11.81 7.47 7.89
C ASN A 19 12.44 6.44 6.97
N GLY A 20 11.89 6.34 5.75
CA GLY A 20 12.39 5.37 4.81
C GLY A 20 11.42 4.23 4.65
N ARG A 21 10.16 4.53 4.90
CA ARG A 21 9.11 3.54 4.87
C ARG A 21 8.08 3.85 3.80
N PRO A 22 8.20 3.20 2.64
CA PRO A 22 7.17 3.26 1.61
C PRO A 22 6.16 2.18 1.80
N PHE A 23 5.03 2.61 2.34
CA PHE A 23 4.01 1.73 2.72
C PHE A 23 3.16 1.61 1.48
N PHE A 24 2.95 0.45 0.96
CA PHE A 24 2.00 0.33 -0.11
C PHE A 24 0.66 0.05 0.56
N TYR A 25 -0.19 1.06 0.69
CA TYR A 25 -1.38 0.93 1.52
C TYR A 25 -2.67 0.79 0.70
N ASP A 26 -3.45 -0.22 1.06
CA ASP A 26 -4.67 -0.62 0.35
C ASP A 26 -5.86 0.16 0.93
N HIS A 27 -6.84 0.49 0.11
CA HIS A 27 -7.99 1.27 0.58
C HIS A 27 -9.27 0.43 0.54
N ASN A 28 -9.13 -0.84 0.17
CA ASN A 28 -10.26 -1.76 0.15
C ASN A 28 -10.43 -2.36 1.53
N THR A 29 -9.31 -2.79 2.10
CA THR A 29 -9.26 -3.32 3.45
C THR A 29 -8.58 -2.31 4.37
N LYS A 30 -8.07 -1.23 3.76
CA LYS A 30 -7.39 -0.16 4.47
C LYS A 30 -6.19 -0.72 5.24
N THR A 31 -5.37 -1.49 4.56
CA THR A 31 -4.26 -2.16 5.19
C THR A 31 -2.93 -1.60 4.68
N THR A 32 -2.05 -1.29 5.62
CA THR A 32 -0.71 -0.83 5.30
C THR A 32 0.22 -2.03 5.19
N THR A 33 1.03 -2.09 4.13
CA THR A 33 1.90 -3.22 3.92
C THR A 33 3.21 -2.80 3.28
N TRP A 34 4.28 -3.52 3.56
CA TRP A 34 5.54 -3.32 2.87
C TRP A 34 5.72 -4.42 1.84
N GLU A 35 4.75 -5.34 1.82
CA GLU A 35 4.78 -6.50 0.95
C GLU A 35 4.13 -6.18 -0.38
N ASP A 36 4.58 -6.84 -1.44
CA ASP A 36 4.10 -6.56 -2.79
C ASP A 36 2.59 -6.79 -2.90
N PRO A 37 1.84 -5.70 -3.09
CA PRO A 37 0.37 -5.66 -3.16
C PRO A 37 -0.15 -6.08 -4.49
N ARG A 38 0.75 -6.22 -5.39
CA ARG A 38 0.43 -6.52 -6.73
C ARG A 38 0.18 -8.00 -6.71
N LEU A 39 0.53 -8.58 -5.56
CA LEU A 39 0.20 -9.94 -5.30
C LEU A 39 -1.32 -10.10 -5.28
N LYS A 40 -1.97 -9.00 -4.93
CA LYS A 40 -3.42 -8.88 -4.70
C LYS A 40 -4.24 -9.12 -5.96
N PHE A 41 -3.56 -9.20 -7.11
CA PHE A 41 -4.22 -9.12 -8.42
C PHE A 41 -5.33 -10.12 -8.87
N PRO A 42 -5.50 -11.21 -8.18
CA PRO A 42 -6.64 -12.12 -8.34
C PRO A 42 -7.96 -11.41 -8.00
N VAL A 43 -7.85 -10.19 -7.45
CA VAL A 43 -9.00 -9.34 -7.13
C VAL A 43 -9.61 -8.76 -8.39
N HIS A 44 -8.89 -8.95 -9.45
CA HIS A 44 -9.29 -8.57 -10.83
C HIS A 44 -9.92 -7.18 -10.86
N ALA B 1 -10.51 11.51 2.48
CA ALA B 1 -9.54 10.40 2.31
C ALA B 1 -8.22 10.73 2.99
N GLY B 2 -7.57 9.70 3.51
CA GLY B 2 -6.29 9.91 4.17
C GLY B 2 -5.17 9.19 3.44
N PRO B 4 -1.51 7.09 3.40
CA PRO B 4 -0.72 6.15 4.20
C PRO B 4 0.53 6.78 4.82
N ASN B 5 0.45 7.13 6.10
CA ASN B 5 1.63 7.54 6.85
C ASN B 5 1.87 6.63 8.07
N LEU B 6 0.87 5.85 8.44
CA LEU B 6 0.98 4.95 9.58
C LEU B 6 1.75 3.67 9.21
N PRO B 8 2.92 0.02 9.73
CA PRO B 8 2.64 -1.20 10.46
C PRO B 8 3.91 -1.78 11.05
N ASN B 9 4.01 -1.75 12.38
CA ASN B 9 5.19 -2.26 13.05
C ASN B 9 5.00 -3.71 13.43
N PRO B 10 5.79 -4.61 12.84
CA PRO B 10 5.69 -6.04 13.07
C PRO B 10 6.49 -6.48 14.29
N GLN A 5 -1.94 4.18 -10.46
CA GLN A 5 -0.54 3.87 -10.11
C GLN A 5 -0.02 2.73 -10.97
N SER A 6 1.11 2.97 -11.60
CA SER A 6 1.62 2.09 -12.64
C SER A 6 2.33 0.85 -12.06
N PHE A 7 2.66 0.88 -10.78
CA PHE A 7 3.46 -0.20 -10.21
C PHE A 7 2.42 -1.24 -9.91
N LEU A 8 1.35 -0.65 -9.38
CA LEU A 8 0.70 -1.11 -8.18
C LEU A 8 -0.81 -1.24 -8.40
N PRO A 9 -1.45 -2.25 -7.74
CA PRO A 9 -2.85 -2.64 -7.99
C PRO A 9 -3.86 -1.50 -7.74
N PRO A 10 -5.14 -1.71 -8.09
CA PRO A 10 -6.21 -0.71 -7.86
C PRO A 10 -6.74 -0.68 -6.41
N GLY A 11 -5.84 -0.91 -5.46
CA GLY A 11 -6.20 -0.87 -4.05
C GLY A 11 -5.41 0.17 -3.35
N TRP A 12 -4.52 0.80 -4.09
CA TRP A 12 -3.27 1.12 -3.51
C TRP A 12 -2.86 2.57 -3.55
N GLU A 13 -2.47 3.00 -2.38
CA GLU A 13 -1.92 4.32 -2.16
C GLU A 13 -0.46 4.15 -1.78
N MET A 14 0.43 4.49 -2.68
CA MET A 14 1.85 4.34 -2.41
C MET A 14 2.36 5.61 -1.78
N ARG A 15 2.60 5.56 -0.48
CA ARG A 15 3.15 6.71 0.19
C ARG A 15 4.48 6.34 0.82
N ILE A 16 5.50 7.00 0.35
CA ILE A 16 6.84 6.89 0.90
C ILE A 16 7.00 7.92 1.99
N ALA A 17 7.33 7.42 3.16
CA ALA A 17 7.22 8.14 4.40
C ALA A 17 8.50 8.90 4.66
N PRO A 18 8.43 10.04 5.34
CA PRO A 18 9.60 10.84 5.70
C PRO A 18 10.67 10.07 6.49
N ASN A 19 10.46 8.78 6.77
CA ASN A 19 11.47 7.97 7.42
C ASN A 19 12.12 7.04 6.40
N GLY A 20 11.49 6.92 5.22
CA GLY A 20 11.96 6.00 4.20
C GLY A 20 11.02 4.82 4.03
N ARG A 21 9.76 5.01 4.38
CA ARG A 21 8.79 3.93 4.37
C ARG A 21 7.68 4.12 3.33
N PRO A 22 7.75 3.42 2.21
CA PRO A 22 6.66 3.37 1.25
C PRO A 22 5.72 2.26 1.58
N PHE A 23 4.61 2.66 2.16
CA PHE A 23 3.69 1.75 2.73
C PHE A 23 2.77 1.49 1.54
N PHE A 24 2.61 0.28 1.09
CA PHE A 24 1.68 0.07 0.02
C PHE A 24 0.32 -0.22 0.67
N TYR A 25 -0.61 0.73 0.62
CA TYR A 25 -1.87 0.60 1.37
C TYR A 25 -3.09 0.34 0.49
N ASP A 26 -3.83 -0.72 0.82
CA ASP A 26 -5.03 -1.15 0.09
C ASP A 26 -6.24 -0.43 0.72
N HIS A 27 -7.07 0.26 -0.07
CA HIS A 27 -8.14 1.09 0.50
C HIS A 27 -9.35 0.26 0.86
N ASN A 28 -9.45 -0.93 0.29
CA ASN A 28 -10.62 -1.78 0.50
C ASN A 28 -10.47 -2.59 1.78
N THR A 29 -9.23 -3.02 2.03
CA THR A 29 -8.91 -3.74 3.24
C THR A 29 -8.40 -2.78 4.31
N LYS A 30 -8.11 -1.56 3.87
CA LYS A 30 -7.66 -0.47 4.75
C LYS A 30 -6.35 -0.83 5.44
N THR A 31 -5.56 -1.67 4.80
CA THR A 31 -4.34 -2.16 5.41
C THR A 31 -3.11 -1.48 4.82
N THR A 32 -2.25 -1.01 5.72
CA THR A 32 -0.93 -0.56 5.33
C THR A 32 0.02 -1.75 5.41
N THR A 33 0.69 -2.05 4.32
CA THR A 33 1.55 -3.21 4.27
C THR A 33 2.82 -2.90 3.48
N TRP A 34 3.92 -3.55 3.83
CA TRP A 34 5.16 -3.32 3.11
C TRP A 34 5.36 -4.43 2.08
N GLU A 35 4.52 -5.44 2.19
CA GLU A 35 4.56 -6.62 1.33
C GLU A 35 3.99 -6.31 -0.04
N ASP A 36 4.49 -7.00 -1.06
CA ASP A 36 4.09 -6.75 -2.44
C ASP A 36 2.58 -6.97 -2.63
N PRO A 37 1.86 -5.90 -2.93
CA PRO A 37 0.41 -5.87 -3.12
C PRO A 37 0.02 -6.34 -4.47
N ARG A 38 1.00 -6.51 -5.28
CA ARG A 38 0.79 -6.77 -6.64
C ARG A 38 0.49 -8.24 -6.69
N LEU A 39 0.71 -8.85 -5.52
CA LEU A 39 0.41 -10.24 -5.35
C LEU A 39 -1.11 -10.46 -5.45
N LYS A 40 -1.88 -9.46 -5.01
CA LYS A 40 -3.33 -9.54 -4.86
C LYS A 40 -4.06 -9.43 -6.20
N PHE A 41 -3.32 -9.10 -7.25
CA PHE A 41 -3.87 -8.80 -8.59
C PHE A 41 -5.04 -9.65 -9.12
N PRO A 42 -4.98 -10.92 -8.89
CA PRO A 42 -6.01 -11.93 -9.18
C PRO A 42 -7.42 -11.51 -8.71
N VAL A 43 -7.49 -10.41 -7.95
CA VAL A 43 -8.75 -9.81 -7.52
C VAL A 43 -9.58 -9.31 -8.70
N HIS A 44 -8.94 -9.33 -9.84
CA HIS A 44 -9.54 -9.02 -11.15
C HIS A 44 -10.40 -7.75 -11.14
N ALA B 1 -1.57 11.85 6.08
CA ALA B 1 -2.74 12.09 6.97
C ALA B 1 -4.00 11.49 6.35
N GLY B 2 -4.51 12.12 5.31
CA GLY B 2 -5.63 11.55 4.57
C GLY B 2 -5.14 10.37 3.76
N PRO B 4 -2.46 7.32 3.38
CA PRO B 4 -1.92 6.38 4.37
C PRO B 4 -0.49 6.71 4.81
N ASN B 5 -0.35 7.16 6.06
CA ASN B 5 0.97 7.38 6.66
C ASN B 5 1.12 6.49 7.91
N LEU B 6 0.01 5.96 8.41
CA LEU B 6 0.04 5.07 9.57
C LEU B 6 0.95 3.87 9.30
N PRO B 8 2.70 0.44 9.98
CA PRO B 8 2.53 -0.82 10.69
C PRO B 8 3.85 -1.37 11.22
N ASN B 9 3.80 -1.96 12.41
CA ASN B 9 4.99 -2.56 13.00
C ASN B 9 5.26 -3.94 12.40
N PRO B 10 6.44 -4.12 11.78
CA PRO B 10 6.84 -5.39 11.18
C PRO B 10 7.37 -6.36 12.22
N GLN A 5 -2.48 2.20 -9.40
CA GLN A 5 -1.15 2.86 -9.51
C GLN A 5 -0.38 2.22 -10.66
N SER A 6 0.81 2.73 -10.91
CA SER A 6 1.61 2.32 -12.06
C SER A 6 2.29 0.98 -11.81
N PHE A 7 2.68 0.73 -10.57
CA PHE A 7 3.42 -0.49 -10.23
C PHE A 7 2.31 -1.45 -9.93
N LEU A 8 1.29 -0.78 -9.36
CA LEU A 8 0.65 -1.21 -8.14
C LEU A 8 -0.88 -1.23 -8.32
N PRO A 9 -1.57 -2.20 -7.68
CA PRO A 9 -2.99 -2.53 -7.97
C PRO A 9 -3.97 -1.35 -7.73
N PRO A 10 -5.29 -1.55 -8.00
CA PRO A 10 -6.33 -0.52 -7.81
C PRO A 10 -6.82 -0.38 -6.35
N GLY A 11 -5.95 -0.74 -5.40
CA GLY A 11 -6.28 -0.63 -3.99
C GLY A 11 -5.40 0.38 -3.33
N TRP A 12 -4.53 0.96 -4.12
CA TRP A 12 -3.23 1.21 -3.59
C TRP A 12 -2.75 2.63 -3.60
N GLU A 13 -2.39 3.01 -2.41
CA GLU A 13 -1.76 4.27 -2.12
C GLU A 13 -0.27 4.01 -1.94
N MET A 14 0.54 4.46 -2.88
CA MET A 14 1.97 4.37 -2.70
C MET A 14 2.44 5.61 -2.02
N ARG A 15 2.71 5.50 -0.74
CA ARG A 15 3.18 6.63 0.03
C ARG A 15 4.54 6.32 0.62
N ILE A 16 5.53 7.02 0.12
CA ILE A 16 6.88 6.94 0.64
C ILE A 16 7.03 7.96 1.74
N ALA A 17 7.30 7.45 2.92
CA ALA A 17 7.27 8.24 4.13
C ALA A 17 8.64 8.85 4.37
N PRO A 18 8.71 10.02 5.01
CA PRO A 18 9.98 10.74 5.25
C PRO A 18 11.05 9.90 5.96
N ASN A 19 10.73 8.67 6.38
CA ASN A 19 11.71 7.81 7.03
C ASN A 19 12.28 6.84 5.99
N GLY A 20 11.60 6.76 4.86
CA GLY A 20 11.99 5.83 3.83
C GLY A 20 11.05 4.66 3.77
N ARG A 21 9.85 4.87 4.28
CA ARG A 21 8.83 3.84 4.31
C ARG A 21 7.76 4.08 3.27
N PRO A 22 7.83 3.40 2.13
CA PRO A 22 6.74 3.39 1.17
C PRO A 22 5.81 2.27 1.47
N PHE A 23 4.70 2.67 2.09
CA PHE A 23 3.76 1.74 2.59
C PHE A 23 2.84 1.54 1.42
N PHE A 24 2.69 0.35 0.93
CA PHE A 24 1.75 0.16 -0.15
C PHE A 24 0.41 -0.15 0.50
N TYR A 25 -0.50 0.82 0.55
CA TYR A 25 -1.72 0.67 1.36
C TYR A 25 -2.97 0.48 0.50
N ASP A 26 -3.74 -0.58 0.82
CA ASP A 26 -4.97 -0.93 0.09
C ASP A 26 -6.13 -0.18 0.75
N HIS A 27 -6.96 0.51 -0.02
CA HIS A 27 -8.02 1.34 0.58
C HIS A 27 -9.23 0.51 0.96
N ASN A 28 -9.36 -0.67 0.35
CA ASN A 28 -10.52 -1.52 0.59
C ASN A 28 -10.31 -2.30 1.88
N THR A 29 -9.07 -2.69 2.11
CA THR A 29 -8.71 -3.44 3.29
C THR A 29 -8.22 -2.50 4.39
N LYS A 30 -7.94 -1.26 4.00
CA LYS A 30 -7.44 -0.23 4.93
C LYS A 30 -6.09 -0.66 5.51
N THR A 31 -5.39 -1.52 4.79
CA THR A 31 -4.18 -2.11 5.32
C THR A 31 -2.93 -1.44 4.73
N THR A 32 -2.05 -1.04 5.62
CA THR A 32 -0.73 -0.55 5.23
C THR A 32 0.23 -1.74 5.20
N THR A 33 0.70 -2.10 4.01
CA THR A 33 1.55 -3.28 3.88
C THR A 33 2.87 -2.91 3.21
N TRP A 34 3.92 -3.60 3.60
CA TRP A 34 5.19 -3.44 2.92
C TRP A 34 5.40 -4.62 1.98
N GLU A 35 4.53 -5.61 2.13
CA GLU A 35 4.55 -6.81 1.30
C GLU A 35 3.97 -6.47 -0.08
N ASP A 36 4.44 -7.17 -1.10
CA ASP A 36 3.99 -6.91 -2.46
C ASP A 36 2.48 -7.10 -2.60
N PRO A 37 1.77 -5.99 -2.85
CA PRO A 37 0.30 -5.90 -2.98
C PRO A 37 -0.15 -6.34 -4.32
N ARG A 38 0.77 -6.54 -5.16
CA ARG A 38 0.49 -6.83 -6.51
C ARG A 38 0.17 -8.28 -6.52
N LEU A 39 0.42 -8.87 -5.36
CA LEU A 39 0.06 -10.23 -5.12
C LEU A 39 -1.48 -10.43 -5.23
N LYS A 40 -2.23 -9.36 -4.96
CA LYS A 40 -3.69 -9.37 -4.97
C LYS A 40 -4.24 -9.27 -6.38
N PHE A 41 -3.34 -8.99 -7.34
CA PHE A 41 -3.67 -8.78 -8.77
C PHE A 41 -4.75 -9.64 -9.46
N PRO A 42 -4.83 -10.87 -9.05
CA PRO A 42 -5.90 -11.83 -9.33
C PRO A 42 -7.32 -11.22 -9.22
N VAL A 43 -7.42 -9.99 -8.70
CA VAL A 43 -8.66 -9.19 -8.71
C VAL A 43 -9.33 -9.16 -10.08
N HIS A 44 -8.62 -9.65 -11.03
CA HIS A 44 -9.07 -9.76 -12.40
C HIS A 44 -9.24 -11.23 -12.76
N ALA B 1 -5.19 12.56 8.86
CA ALA B 1 -4.63 11.42 8.09
C ALA B 1 -5.59 10.98 7.00
N GLY B 2 -5.33 11.42 5.78
CA GLY B 2 -6.11 10.98 4.65
C GLY B 2 -5.36 9.94 3.84
N PRO B 4 -2.09 7.15 3.60
CA PRO B 4 -1.35 6.22 4.46
C PRO B 4 0.02 6.74 4.88
N ASN B 5 0.12 7.23 6.12
CA ASN B 5 1.41 7.56 6.71
C ASN B 5 1.67 6.74 7.96
N LEU B 6 0.62 6.12 8.47
CA LEU B 6 0.74 5.29 9.66
C LEU B 6 1.53 4.01 9.34
N PRO B 8 2.84 0.55 9.93
CA PRO B 8 2.51 -0.62 10.74
C PRO B 8 3.70 -1.09 11.55
N ASN B 9 3.50 -1.31 12.84
CA ASN B 9 4.57 -1.77 13.71
C ASN B 9 4.70 -3.28 13.59
N PRO B 10 5.86 -3.76 13.07
CA PRO B 10 6.10 -5.19 12.87
C PRO B 10 6.00 -5.99 14.16
N GLN A 5 -1.96 3.36 -8.87
CA GLN A 5 -0.62 3.72 -9.42
C GLN A 5 -0.34 2.90 -10.68
N SER A 6 0.81 3.16 -11.30
CA SER A 6 1.19 2.44 -12.51
C SER A 6 1.93 1.16 -12.16
N PHE A 7 2.37 1.04 -10.91
CA PHE A 7 3.16 -0.12 -10.49
C PHE A 7 2.08 -1.10 -10.12
N LEU A 8 1.05 -0.43 -9.58
CA LEU A 8 0.42 -0.83 -8.35
C LEU A 8 -1.11 -0.88 -8.49
N PRO A 9 -1.76 -1.86 -7.81
CA PRO A 9 -3.19 -2.20 -8.02
C PRO A 9 -4.16 -1.04 -7.71
N PRO A 10 -5.48 -1.23 -8.01
CA PRO A 10 -6.53 -0.23 -7.70
C PRO A 10 -7.00 -0.26 -6.22
N GLY A 11 -6.06 -0.51 -5.33
CA GLY A 11 -6.35 -0.52 -3.89
C GLY A 11 -5.51 0.51 -3.22
N TRP A 12 -4.68 1.15 -3.98
CA TRP A 12 -3.39 1.47 -3.45
C TRP A 12 -3.01 2.92 -3.53
N GLU A 13 -2.21 3.27 -2.54
CA GLU A 13 -1.60 4.57 -2.43
C GLU A 13 -0.16 4.36 -2.06
N MET A 14 0.74 4.73 -2.95
CA MET A 14 2.15 4.52 -2.71
C MET A 14 2.73 5.73 -2.02
N ARG A 15 3.10 5.54 -0.78
CA ARG A 15 3.74 6.60 -0.03
C ARG A 15 5.06 6.12 0.52
N ILE A 16 6.12 6.69 0.02
CA ILE A 16 7.43 6.55 0.63
C ILE A 16 7.58 7.65 1.63
N ALA A 17 7.67 7.25 2.88
CA ALA A 17 7.53 8.13 3.99
C ALA A 17 8.87 8.72 4.34
N PRO A 18 8.90 9.95 4.88
CA PRO A 18 10.13 10.65 5.24
C PRO A 18 11.03 9.89 6.23
N ASN A 19 10.66 8.67 6.62
CA ASN A 19 11.52 7.85 7.46
C ASN A 19 12.17 6.76 6.62
N GLY A 20 11.62 6.54 5.43
CA GLY A 20 12.14 5.51 4.55
C GLY A 20 11.16 4.39 4.39
N ARG A 21 9.88 4.72 4.52
CA ARG A 21 8.83 3.72 4.52
C ARG A 21 7.87 3.91 3.36
N PRO A 22 8.00 3.15 2.29
CA PRO A 22 7.00 3.09 1.23
C PRO A 22 5.99 2.03 1.54
N PHE A 23 4.88 2.52 2.08
CA PHE A 23 3.87 1.66 2.57
C PHE A 23 3.00 1.49 1.34
N PHE A 24 2.78 0.31 0.87
CA PHE A 24 1.85 0.14 -0.21
C PHE A 24 0.48 -0.08 0.46
N TYR A 25 -0.36 0.96 0.53
CA TYR A 25 -1.55 0.88 1.37
C TYR A 25 -2.84 0.68 0.55
N ASP A 26 -3.57 -0.39 0.93
CA ASP A 26 -4.78 -0.85 0.26
C ASP A 26 -6.00 -0.16 0.87
N HIS A 27 -6.92 0.29 0.06
CA HIS A 27 -8.08 1.02 0.54
C HIS A 27 -9.30 0.10 0.58
N ASN A 28 -9.14 -1.10 0.04
CA ASN A 28 -10.20 -2.09 0.04
C ASN A 28 -10.36 -2.62 1.45
N THR A 29 -9.25 -3.05 2.03
CA THR A 29 -9.23 -3.60 3.38
C THR A 29 -8.59 -2.61 4.36
N LYS A 30 -8.12 -1.48 3.83
CA LYS A 30 -7.48 -0.41 4.62
C LYS A 30 -6.16 -0.89 5.22
N THR A 31 -5.49 -1.80 4.54
CA THR A 31 -4.29 -2.41 5.09
C THR A 31 -3.02 -1.75 4.56
N THR A 32 -2.14 -1.36 5.48
CA THR A 32 -0.85 -0.79 5.13
C THR A 32 0.19 -1.90 5.00
N THR A 33 0.51 -2.28 3.78
CA THR A 33 1.40 -3.40 3.55
C THR A 33 2.81 -2.92 3.23
N TRP A 34 3.83 -3.63 3.69
CA TRP A 34 5.16 -3.42 3.17
C TRP A 34 5.44 -4.48 2.12
N GLU A 35 4.67 -5.58 2.22
CA GLU A 35 4.71 -6.67 1.26
C GLU A 35 4.11 -6.20 -0.05
N ASP A 36 4.57 -6.77 -1.15
CA ASP A 36 4.12 -6.38 -2.47
C ASP A 36 2.61 -6.63 -2.65
N PRO A 37 1.87 -5.53 -2.80
CA PRO A 37 0.41 -5.50 -2.94
C PRO A 37 -0.06 -5.94 -4.28
N ARG A 38 0.86 -6.11 -5.15
CA ARG A 38 0.56 -6.44 -6.49
C ARG A 38 0.29 -7.91 -6.45
N LEU A 39 0.60 -8.45 -5.28
CA LEU A 39 0.31 -9.82 -5.02
C LEU A 39 -1.22 -10.06 -5.06
N LYS A 40 -2.00 -9.02 -4.70
CA LYS A 40 -3.47 -9.09 -4.64
C LYS A 40 -4.08 -9.03 -6.04
N PHE A 41 -3.25 -8.76 -7.05
CA PHE A 41 -3.68 -8.60 -8.47
C PHE A 41 -4.76 -9.56 -9.04
N PRO A 42 -4.73 -10.78 -8.60
CA PRO A 42 -5.73 -11.83 -8.76
C PRO A 42 -7.18 -11.36 -8.57
N VAL A 43 -7.35 -10.10 -8.09
CA VAL A 43 -8.67 -9.45 -7.90
C VAL A 43 -9.69 -9.67 -9.01
N HIS A 44 -9.21 -10.24 -10.07
CA HIS A 44 -10.03 -10.57 -11.23
C HIS A 44 -9.94 -12.06 -11.51
N ALA B 1 -6.47 10.74 8.93
CA ALA B 1 -5.56 10.13 7.93
C ALA B 1 -6.21 10.07 6.57
N GLY B 2 -5.56 10.65 5.57
CA GLY B 2 -6.03 10.55 4.21
C GLY B 2 -5.13 9.66 3.38
N PRO B 4 -1.71 7.24 3.15
CA PRO B 4 -0.93 6.31 3.97
C PRO B 4 0.41 6.87 4.46
N ASN B 5 0.44 7.35 5.70
CA ASN B 5 1.71 7.61 6.39
C ASN B 5 1.79 6.78 7.67
N LEU B 6 0.66 6.22 8.08
CA LEU B 6 0.63 5.40 9.28
C LEU B 6 1.45 4.11 9.06
N PRO B 8 2.68 0.67 9.91
CA PRO B 8 2.34 -0.47 10.76
C PRO B 8 3.57 -1.03 11.46
N ASN B 9 3.49 -1.18 12.77
CA ASN B 9 4.58 -1.78 13.54
C ASN B 9 4.43 -3.29 13.52
N PRO B 10 5.38 -4.00 12.87
CA PRO B 10 5.33 -5.45 12.73
C PRO B 10 5.77 -6.17 14.00
N GLN A 5 -2.36 2.82 -7.77
CA GLN A 5 -1.09 3.30 -8.37
C GLN A 5 -0.93 2.74 -9.77
N SER A 6 0.22 2.99 -10.36
CA SER A 6 0.53 2.51 -11.71
C SER A 6 1.41 1.25 -11.67
N PHE A 7 2.11 1.04 -10.56
CA PHE A 7 3.03 -0.11 -10.41
C PHE A 7 2.05 -1.21 -10.08
N LEU A 8 1.06 -0.67 -9.39
CA LEU A 8 0.49 -1.21 -8.20
C LEU A 8 -1.03 -1.25 -8.34
N PRO A 9 -1.70 -2.25 -7.73
CA PRO A 9 -3.12 -2.56 -8.00
C PRO A 9 -4.06 -1.37 -7.69
N PRO A 10 -5.37 -1.50 -8.04
CA PRO A 10 -6.38 -0.46 -7.79
C PRO A 10 -6.82 -0.38 -6.32
N GLY A 11 -5.93 -0.73 -5.40
CA GLY A 11 -6.22 -0.66 -3.99
C GLY A 11 -5.27 0.27 -3.33
N TRP A 12 -4.39 0.83 -4.10
CA TRP A 12 -3.09 1.09 -3.54
C TRP A 12 -2.60 2.49 -3.63
N GLU A 13 -2.09 2.88 -2.49
CA GLU A 13 -1.42 4.15 -2.31
C GLU A 13 0.03 3.87 -1.99
N MET A 14 0.92 4.24 -2.89
CA MET A 14 2.34 4.11 -2.60
C MET A 14 2.81 5.40 -1.96
N ARG A 15 2.91 5.37 -0.65
CA ARG A 15 3.37 6.52 0.07
C ARG A 15 4.70 6.21 0.71
N ILE A 16 5.72 6.86 0.20
CA ILE A 16 7.05 6.76 0.77
C ILE A 16 7.17 7.87 1.79
N ALA A 17 7.32 7.42 3.02
CA ALA A 17 7.17 8.27 4.17
C ALA A 17 8.50 8.90 4.50
N PRO A 18 8.51 10.10 5.09
CA PRO A 18 9.74 10.84 5.42
C PRO A 18 10.74 10.05 6.29
N ASN A 19 10.39 8.83 6.68
CA ASN A 19 11.27 8.01 7.49
C ASN A 19 11.97 6.97 6.60
N GLY A 20 11.44 6.79 5.40
CA GLY A 20 11.98 5.81 4.49
C GLY A 20 11.07 4.62 4.36
N ARG A 21 9.78 4.89 4.47
CA ARG A 21 8.77 3.84 4.45
C ARG A 21 7.74 4.06 3.35
N PRO A 22 7.87 3.36 2.24
CA PRO A 22 6.82 3.31 1.23
C PRO A 22 5.89 2.18 1.54
N PHE A 23 4.76 2.57 2.10
CA PHE A 23 3.81 1.63 2.58
C PHE A 23 2.94 1.42 1.36
N PHE A 24 2.75 0.21 0.94
CA PHE A 24 1.83 -0.04 -0.13
C PHE A 24 0.45 -0.27 0.54
N TYR A 25 -0.43 0.71 0.51
CA TYR A 25 -1.67 0.62 1.30
C TYR A 25 -2.92 0.39 0.44
N ASP A 26 -3.72 -0.61 0.84
CA ASP A 26 -4.95 -1.02 0.13
C ASP A 26 -6.12 -0.20 0.68
N HIS A 27 -6.98 0.33 -0.19
CA HIS A 27 -8.11 1.13 0.27
C HIS A 27 -9.33 0.25 0.48
N ASN A 28 -9.26 -0.99 -0.01
CA ASN A 28 -10.35 -1.94 0.19
C ASN A 28 -10.34 -2.46 1.61
N THR A 29 -9.19 -2.98 2.02
CA THR A 29 -9.01 -3.48 3.37
C THR A 29 -8.54 -2.35 4.30
N LYS A 30 -8.13 -1.24 3.69
CA LYS A 30 -7.59 -0.08 4.41
C LYS A 30 -6.37 -0.49 5.23
N THR A 31 -5.59 -1.39 4.66
CA THR A 31 -4.44 -1.93 5.35
C THR A 31 -3.13 -1.37 4.77
N THR A 32 -2.26 -0.92 5.65
CA THR A 32 -0.94 -0.51 5.27
C THR A 32 0.00 -1.71 5.34
N THR A 33 0.84 -1.90 4.33
CA THR A 33 1.73 -3.04 4.32
C THR A 33 3.05 -2.68 3.65
N TRP A 34 4.13 -3.33 4.05
CA TRP A 34 5.39 -3.17 3.33
C TRP A 34 5.53 -4.33 2.35
N GLU A 35 4.53 -5.20 2.36
CA GLU A 35 4.51 -6.38 1.51
C GLU A 35 3.98 -6.03 0.12
N ASP A 36 4.45 -6.75 -0.87
CA ASP A 36 4.12 -6.46 -2.26
C ASP A 36 2.65 -6.82 -2.59
N PRO A 37 1.86 -5.78 -2.89
CA PRO A 37 0.40 -5.84 -3.11
C PRO A 37 0.04 -6.31 -4.47
N ARG A 38 1.01 -6.43 -5.30
CA ARG A 38 0.79 -6.71 -6.66
C ARG A 38 0.54 -8.19 -6.69
N LEU A 39 0.78 -8.74 -5.52
CA LEU A 39 0.49 -10.12 -5.29
C LEU A 39 -1.05 -10.38 -5.37
N LYS A 40 -1.82 -9.35 -4.98
CA LYS A 40 -3.29 -9.45 -4.84
C LYS A 40 -4.02 -9.44 -6.18
N PHE A 41 -3.26 -9.18 -7.24
CA PHE A 41 -3.79 -8.95 -8.61
C PHE A 41 -4.97 -9.81 -9.14
N PRO A 42 -4.97 -11.05 -8.81
CA PRO A 42 -6.03 -12.04 -9.09
C PRO A 42 -7.45 -11.53 -8.78
N VAL A 43 -7.55 -10.37 -8.12
CA VAL A 43 -8.82 -9.68 -7.89
C VAL A 43 -9.48 -9.24 -9.19
N HIS A 44 -8.72 -9.38 -10.23
CA HIS A 44 -9.15 -9.17 -11.63
C HIS A 44 -9.94 -7.86 -11.81
N ALA B 1 -4.29 12.89 8.14
CA ALA B 1 -3.81 12.49 6.80
C ALA B 1 -4.76 11.47 6.16
N GLY B 2 -5.19 11.75 4.95
CA GLY B 2 -6.05 10.84 4.24
C GLY B 2 -5.23 9.79 3.50
N PRO B 4 -2.01 7.14 3.38
CA PRO B 4 -1.34 6.23 4.33
C PRO B 4 0.04 6.72 4.80
N ASN B 5 0.12 7.16 6.07
CA ASN B 5 1.41 7.44 6.69
C ASN B 5 1.59 6.56 7.93
N LEU B 6 0.52 5.96 8.40
CA LEU B 6 0.60 5.08 9.57
C LEU B 6 1.39 3.82 9.25
N PRO B 8 2.63 0.30 9.65
CA PRO B 8 2.28 -0.97 10.31
C PRO B 8 3.51 -1.62 10.93
N ASN B 9 3.47 -1.84 12.24
CA ASN B 9 4.62 -2.39 12.96
C ASN B 9 4.81 -3.86 12.59
N PRO B 10 5.95 -4.20 11.96
CA PRO B 10 6.30 -5.58 11.63
C PRO B 10 6.46 -6.43 12.90
#